data_1CJA
#
_entry.id   1CJA
#
_cell.length_a   178.900
_cell.length_b   178.900
_cell.length_c   59.300
_cell.angle_alpha   90.00
_cell.angle_beta   90.00
_cell.angle_gamma   120.00
#
_symmetry.space_group_name_H-M   'P 32 2 1'
#
loop_
_entity.id
_entity.type
_entity.pdbx_description
1 polymer 'PROTEIN (ACTIN-FRAGMIN KINASE)'
2 non-polymer 'ADENOSINE MONOPHOSPHATE'
#
_entity_poly.entity_id   1
_entity_poly.type   'polypeptide(L)'
_entity_poly.pdbx_seq_one_letter_code
;AGALWEIEKELFTKLPAPSSAINSHLQPAKPKVPQKKPSKWDPPAEFKVDLSTAVSYNDIGDINWKNLQQFKGIERSEKG
TEGLFFVETESGVFIVKRSTNIESETFCSLLCMRLGLHAPKVRVVSSNSEEGTNMLECLAAIDKSFRVITTLANQANILL
MELVRGITLNKLTTTSAPEVLTKSTMQQLGSLMALDVIVNNSDRLPIAWTNEGNLDNIMLSERGATVVPIDSKIIPLDAS
HPHGERVRELLRTLIAHPGHESSQFHSIRDIITLYTGYDVGTEGSISMQEGFLATVRECASFDLDAFERELLSWQESLQK
CHNLSISPQAIPFILRMLRIFH
;
_entity_poly.pdbx_strand_id   A,B
#
# COMPACT_ATOMS: atom_id res chain seq x y z
N ALA A 1 0.87 -38.67 -20.59
CA ALA A 1 -0.19 -38.91 -21.59
C ALA A 1 -0.75 -40.19 -21.10
N GLY A 2 -1.97 -40.51 -21.56
CA GLY A 2 -2.67 -41.76 -21.20
C GLY A 2 -3.45 -41.70 -19.88
N ALA A 3 -2.89 -42.32 -18.83
CA ALA A 3 -3.49 -42.31 -17.49
C ALA A 3 -3.19 -40.97 -16.84
N LEU A 4 -1.94 -40.56 -16.94
CA LEU A 4 -1.49 -39.30 -16.38
C LEU A 4 -2.40 -38.18 -16.83
N TRP A 5 -2.69 -38.15 -18.13
CA TRP A 5 -3.53 -37.12 -18.69
C TRP A 5 -4.93 -37.14 -18.09
N GLU A 6 -5.43 -38.34 -17.86
CA GLU A 6 -6.76 -38.45 -17.32
C GLU A 6 -6.77 -37.89 -15.92
N ILE A 7 -5.76 -38.26 -15.15
CA ILE A 7 -5.61 -37.79 -13.78
C ILE A 7 -5.54 -36.27 -13.79
N GLU A 8 -4.80 -35.71 -14.73
CA GLU A 8 -4.71 -34.27 -14.84
C GLU A 8 -6.06 -33.70 -15.13
N LYS A 9 -6.73 -34.19 -16.15
CA LYS A 9 -8.08 -33.70 -16.46
C LYS A 9 -8.92 -33.63 -15.18
N GLU A 10 -8.92 -34.71 -14.41
CA GLU A 10 -9.69 -34.76 -13.17
C GLU A 10 -9.37 -33.60 -12.25
N LEU A 11 -8.08 -33.40 -11.96
CA LEU A 11 -7.64 -32.31 -11.10
C LEU A 11 -8.08 -30.98 -11.69
N PHE A 12 -7.65 -30.72 -12.92
CA PHE A 12 -7.96 -29.50 -13.63
C PHE A 12 -9.44 -29.15 -13.58
N THR A 13 -10.27 -30.17 -13.68
CA THR A 13 -11.70 -29.98 -13.66
C THR A 13 -12.15 -29.36 -12.36
N LYS A 14 -11.58 -29.82 -11.25
CA LYS A 14 -11.93 -29.31 -9.94
C LYS A 14 -11.53 -27.85 -9.62
N LEU A 15 -10.61 -27.26 -10.39
CA LEU A 15 -10.20 -25.89 -10.15
C LEU A 15 -11.31 -24.92 -10.44
N PRO A 16 -11.45 -23.91 -9.55
CA PRO A 16 -12.45 -22.85 -9.62
C PRO A 16 -12.16 -22.01 -10.85
N ALA A 17 -13.07 -22.02 -11.82
CA ALA A 17 -12.88 -21.22 -13.03
C ALA A 17 -12.51 -19.80 -12.58
N PRO A 18 -11.52 -19.18 -13.24
CA PRO A 18 -11.13 -17.82 -12.86
C PRO A 18 -12.09 -16.79 -13.41
N SER A 19 -11.88 -15.51 -13.05
CA SER A 19 -12.74 -14.44 -13.52
C SER A 19 -12.98 -14.44 -15.01
N SER A 20 -14.09 -13.83 -15.39
CA SER A 20 -14.46 -13.69 -16.78
C SER A 20 -14.06 -12.27 -17.15
N ALA A 21 -13.33 -11.63 -16.25
CA ALA A 21 -12.90 -10.26 -16.46
C ALA A 21 -11.57 -10.30 -17.15
N ILE A 22 -11.47 -9.69 -18.32
CA ILE A 22 -10.20 -9.64 -19.04
C ILE A 22 -9.52 -8.33 -18.68
N ASN A 23 -8.34 -8.47 -18.09
CA ASN A 23 -7.55 -7.34 -17.68
C ASN A 23 -6.60 -7.00 -18.82
N SER A 24 -6.88 -5.92 -19.53
CA SER A 24 -6.07 -5.50 -20.66
C SER A 24 -4.60 -5.21 -20.31
N HIS A 25 -4.29 -5.03 -19.04
CA HIS A 25 -2.92 -4.76 -18.63
C HIS A 25 -2.05 -5.98 -18.73
N LEU A 26 -2.67 -7.16 -18.66
CA LEU A 26 -1.97 -8.42 -18.71
C LEU A 26 -1.82 -9.00 -20.11
N GLN A 27 -2.41 -8.35 -21.10
CA GLN A 27 -2.33 -8.80 -22.48
C GLN A 27 -0.85 -8.93 -22.92
N PRO A 28 -0.47 -10.09 -23.49
CA PRO A 28 0.89 -10.36 -23.95
C PRO A 28 1.36 -9.31 -24.94
N ALA A 29 2.67 -9.11 -25.02
CA ALA A 29 3.28 -8.12 -25.90
C ALA A 29 3.26 -8.43 -27.40
N LYS A 30 2.78 -7.47 -28.16
CA LYS A 30 2.67 -7.59 -29.61
C LYS A 30 4.07 -7.39 -30.24
N PRO A 31 4.64 -8.46 -30.84
CA PRO A 31 5.97 -8.29 -31.45
C PRO A 31 5.92 -7.35 -32.65
N PHE A 47 9.62 -16.60 -39.07
CA PHE A 47 8.18 -16.77 -38.66
C PHE A 47 8.01 -16.39 -37.21
N LYS A 48 6.97 -15.63 -36.91
CA LYS A 48 6.72 -15.22 -35.53
C LYS A 48 5.26 -15.31 -35.13
N VAL A 49 5.05 -15.64 -33.87
CA VAL A 49 3.73 -15.78 -33.28
C VAL A 49 3.42 -14.48 -32.52
N ASP A 50 2.24 -13.92 -32.79
CA ASP A 50 1.82 -12.69 -32.15
C ASP A 50 1.05 -13.10 -30.93
N LEU A 51 1.73 -13.26 -29.82
CA LEU A 51 1.05 -13.68 -28.60
C LEU A 51 -0.01 -12.70 -28.17
N SER A 52 0.10 -11.47 -28.65
CA SER A 52 -0.83 -10.38 -28.35
C SER A 52 -2.24 -10.66 -28.85
N THR A 53 -2.35 -11.52 -29.85
CA THR A 53 -3.64 -11.82 -30.44
C THR A 53 -3.89 -13.32 -30.60
N ALA A 54 -2.89 -14.14 -30.29
CA ALA A 54 -3.03 -15.60 -30.41
C ALA A 54 -3.98 -16.21 -29.39
N VAL A 55 -4.71 -17.24 -29.81
CA VAL A 55 -5.64 -17.92 -28.91
C VAL A 55 -5.06 -19.29 -28.48
N SER A 56 -5.18 -19.62 -27.20
CA SER A 56 -4.64 -20.88 -26.72
C SER A 56 -5.33 -22.08 -27.35
N TYR A 57 -4.54 -22.97 -27.95
CA TYR A 57 -5.07 -24.19 -28.57
C TYR A 57 -5.85 -24.83 -27.43
N ASN A 58 -7.12 -25.08 -27.67
CA ASN A 58 -8.04 -25.63 -26.69
C ASN A 58 -7.70 -26.91 -25.95
N ASP A 59 -7.53 -28.02 -26.67
CA ASP A 59 -7.25 -29.32 -26.02
C ASP A 59 -5.96 -29.99 -26.46
N ILE A 60 -4.89 -29.84 -25.69
CA ILE A 60 -3.63 -30.49 -26.09
C ILE A 60 -3.67 -31.99 -25.87
N GLY A 61 -4.83 -32.52 -25.57
CA GLY A 61 -4.90 -33.94 -25.38
C GLY A 61 -5.10 -34.53 -26.75
N ASP A 62 -5.63 -33.70 -27.64
CA ASP A 62 -5.92 -34.12 -29.00
C ASP A 62 -5.24 -33.21 -30.02
N ILE A 63 -4.07 -33.61 -30.48
CA ILE A 63 -3.36 -32.81 -31.49
C ILE A 63 -3.07 -33.72 -32.67
N ASN A 64 -3.55 -33.34 -33.85
CA ASN A 64 -3.34 -34.15 -35.05
C ASN A 64 -2.05 -33.85 -35.80
N TRP A 65 -1.00 -34.57 -35.42
CA TRP A 65 0.33 -34.42 -35.99
C TRP A 65 0.48 -34.77 -37.45
N LYS A 66 -0.48 -35.53 -37.97
CA LYS A 66 -0.48 -35.99 -39.37
C LYS A 66 -1.10 -34.98 -40.31
N ASN A 67 -1.86 -34.05 -39.78
CA ASN A 67 -2.49 -33.05 -40.61
C ASN A 67 -1.56 -31.84 -40.68
N LEU A 68 -0.52 -31.94 -41.51
CA LEU A 68 0.45 -30.86 -41.63
C LEU A 68 -0.12 -29.54 -42.09
N GLN A 69 -1.29 -29.56 -42.72
CA GLN A 69 -1.92 -28.34 -43.23
C GLN A 69 -2.55 -27.43 -42.15
N GLN A 70 -2.80 -28.03 -40.98
CA GLN A 70 -3.39 -27.36 -39.83
C GLN A 70 -2.35 -26.48 -39.15
N PHE A 71 -1.08 -26.74 -39.46
CA PHE A 71 0.04 -26.01 -38.87
C PHE A 71 0.53 -24.84 -39.69
N LYS A 72 0.64 -23.67 -39.06
CA LYS A 72 1.10 -22.46 -39.71
C LYS A 72 2.55 -22.12 -39.40
N GLY A 73 3.15 -22.77 -38.42
CA GLY A 73 4.54 -22.49 -38.10
C GLY A 73 4.93 -22.73 -36.65
N ILE A 74 6.21 -22.61 -36.37
CA ILE A 74 6.73 -22.81 -35.02
C ILE A 74 7.79 -21.78 -34.72
N GLU A 75 7.73 -21.17 -33.55
CA GLU A 75 8.72 -20.18 -33.19
C GLU A 75 9.39 -20.55 -31.90
N ARG A 76 10.70 -20.39 -31.86
CA ARG A 76 11.49 -20.68 -30.67
C ARG A 76 11.49 -19.46 -29.78
N SER A 77 11.14 -19.62 -28.51
CA SER A 77 11.15 -18.50 -27.58
C SER A 77 12.60 -18.22 -27.25
N GLU A 78 13.07 -17.02 -27.56
CA GLU A 78 14.45 -16.66 -27.29
C GLU A 78 14.70 -16.38 -25.81
N LYS A 79 13.75 -16.74 -24.97
CA LYS A 79 13.87 -16.49 -23.54
C LYS A 79 13.89 -17.77 -22.70
N GLY A 80 14.34 -17.60 -21.46
CA GLY A 80 14.40 -18.68 -20.49
C GLY A 80 15.30 -19.83 -20.87
N THR A 81 14.78 -21.05 -20.67
CA THR A 81 15.51 -22.29 -20.96
C THR A 81 16.28 -22.23 -22.28
N GLU A 82 15.51 -22.02 -23.34
CA GLU A 82 15.95 -21.96 -24.74
C GLU A 82 15.01 -22.94 -25.48
N GLY A 83 14.73 -24.07 -24.85
CA GLY A 83 13.89 -25.08 -25.48
C GLY A 83 12.40 -24.89 -25.43
N LEU A 84 11.92 -23.67 -25.58
CA LEU A 84 10.50 -23.46 -25.55
C LEU A 84 10.07 -23.03 -26.92
N PHE A 85 9.09 -23.72 -27.50
CA PHE A 85 8.60 -23.37 -28.82
C PHE A 85 7.12 -23.12 -28.82
N PHE A 86 6.69 -22.18 -29.65
CA PHE A 86 5.29 -21.87 -29.79
C PHE A 86 4.87 -22.47 -31.10
N VAL A 87 3.87 -23.31 -31.08
CA VAL A 87 3.38 -23.93 -32.29
C VAL A 87 2.06 -23.25 -32.61
N GLU A 88 1.90 -22.79 -33.84
CA GLU A 88 0.67 -22.13 -34.20
C GLU A 88 -0.14 -22.97 -35.14
N THR A 89 -1.24 -23.53 -34.67
CA THR A 89 -2.03 -24.28 -35.59
C THR A 89 -3.08 -23.29 -35.95
N GLU A 90 -4.03 -23.76 -36.73
CA GLU A 90 -5.14 -22.92 -37.14
C GLU A 90 -6.19 -22.86 -36.00
N SER A 91 -6.17 -23.86 -35.13
CA SER A 91 -7.12 -23.94 -34.02
C SER A 91 -6.57 -23.25 -32.78
N GLY A 92 -5.35 -22.71 -32.89
CA GLY A 92 -4.73 -22.02 -31.78
C GLY A 92 -3.26 -22.33 -31.61
N VAL A 93 -2.67 -21.86 -30.51
CA VAL A 93 -1.26 -22.07 -30.24
C VAL A 93 -1.03 -22.92 -28.99
N PHE A 94 -0.04 -23.80 -29.04
CA PHE A 94 0.28 -24.59 -27.88
C PHE A 94 1.80 -24.54 -27.79
N ILE A 95 2.36 -25.16 -26.79
CA ILE A 95 3.79 -25.10 -26.58
C ILE A 95 4.45 -26.44 -26.51
N VAL A 96 5.57 -26.55 -27.20
CA VAL A 96 6.34 -27.79 -27.18
C VAL A 96 7.61 -27.35 -26.48
N LYS A 97 8.00 -28.05 -25.44
CA LYS A 97 9.14 -27.61 -24.69
C LYS A 97 10.03 -28.72 -24.17
N ARG A 98 11.33 -28.46 -24.23
CA ARG A 98 12.39 -29.34 -23.76
C ARG A 98 12.46 -29.06 -22.27
N SER A 99 12.44 -30.06 -21.42
CA SER A 99 12.49 -29.75 -20.01
C SER A 99 13.65 -30.36 -19.27
N THR A 100 14.38 -29.50 -18.55
CA THR A 100 15.54 -29.91 -17.76
C THR A 100 15.15 -31.07 -16.87
N ASN A 101 14.09 -30.89 -16.09
CA ASN A 101 13.62 -31.95 -15.22
C ASN A 101 12.12 -32.16 -15.38
N ILE A 102 11.79 -32.80 -16.49
CA ILE A 102 10.44 -33.09 -16.87
C ILE A 102 9.62 -33.76 -15.77
N GLU A 103 10.14 -34.78 -15.10
CA GLU A 103 9.36 -35.43 -14.02
C GLU A 103 8.91 -34.41 -12.96
N SER A 104 9.85 -33.63 -12.44
CA SER A 104 9.53 -32.63 -11.43
C SER A 104 8.50 -31.68 -11.93
N GLU A 105 8.78 -31.11 -13.09
CA GLU A 105 7.88 -30.15 -13.68
C GLU A 105 6.48 -30.66 -13.80
N THR A 106 6.33 -31.83 -14.41
CA THR A 106 4.98 -32.31 -14.57
C THR A 106 4.38 -32.70 -13.24
N PHE A 107 5.12 -33.46 -12.45
CA PHE A 107 4.61 -33.90 -11.15
C PHE A 107 4.15 -32.68 -10.34
N CYS A 108 4.95 -31.64 -10.42
CA CYS A 108 4.66 -30.41 -9.72
C CYS A 108 3.40 -29.81 -10.25
N SER A 109 3.27 -29.77 -11.57
CA SER A 109 2.10 -29.18 -12.19
C SER A 109 0.84 -29.76 -11.57
N LEU A 110 0.84 -31.08 -11.38
CA LEU A 110 -0.29 -31.75 -10.80
C LEU A 110 -0.49 -31.28 -9.38
N LEU A 111 0.57 -31.31 -8.58
CA LEU A 111 0.49 -30.87 -7.19
C LEU A 111 -0.14 -29.48 -7.09
N CYS A 112 0.26 -28.56 -7.95
CA CYS A 112 -0.33 -27.24 -7.91
C CYS A 112 -1.81 -27.34 -8.07
N MET A 113 -2.23 -27.95 -9.18
CA MET A 113 -3.65 -28.08 -9.45
C MET A 113 -4.35 -28.70 -8.26
N ARG A 114 -3.71 -29.64 -7.60
CA ARG A 114 -4.33 -30.29 -6.46
C ARG A 114 -4.51 -29.31 -5.32
N LEU A 115 -3.54 -28.43 -5.14
CA LEU A 115 -3.64 -27.43 -4.08
C LEU A 115 -4.50 -26.24 -4.44
N GLY A 116 -5.08 -26.22 -5.64
CA GLY A 116 -5.93 -25.11 -6.00
C GLY A 116 -5.33 -24.09 -6.95
N LEU A 117 -4.09 -24.31 -7.35
CA LEU A 117 -3.35 -23.41 -8.22
C LEU A 117 -3.46 -23.66 -9.69
N HIS A 118 -3.68 -22.58 -10.44
CA HIS A 118 -3.87 -22.66 -11.89
C HIS A 118 -2.66 -22.84 -12.76
N ALA A 119 -1.97 -23.95 -12.63
CA ALA A 119 -0.80 -24.21 -13.48
C ALA A 119 -1.26 -24.48 -14.93
N PRO A 120 -0.38 -24.33 -15.91
CA PRO A 120 -0.77 -24.57 -17.30
C PRO A 120 -0.92 -26.06 -17.55
N LYS A 121 -1.92 -26.45 -18.33
CA LYS A 121 -2.12 -27.86 -18.62
C LYS A 121 -0.91 -28.35 -19.40
N VAL A 122 -0.29 -29.41 -18.89
CA VAL A 122 0.90 -29.99 -19.48
C VAL A 122 0.70 -31.48 -19.79
N ARG A 123 1.33 -31.96 -20.85
CA ARG A 123 1.20 -33.36 -21.22
C ARG A 123 2.51 -33.88 -21.73
N VAL A 124 2.92 -35.03 -21.24
CA VAL A 124 4.21 -35.56 -21.65
C VAL A 124 4.11 -36.47 -22.86
N VAL A 125 5.03 -36.27 -23.79
CA VAL A 125 5.07 -37.09 -25.00
C VAL A 125 6.40 -37.83 -25.06
N SER A 126 6.36 -39.16 -25.11
CA SER A 126 7.58 -39.93 -25.19
C SER A 126 8.04 -39.86 -26.61
N SER A 127 9.34 -39.65 -26.79
CA SER A 127 9.94 -39.55 -28.10
C SER A 127 9.79 -40.82 -28.92
N ASN A 128 9.89 -41.95 -28.24
CA ASN A 128 9.80 -43.26 -28.89
C ASN A 128 8.45 -43.88 -28.67
N SER A 129 7.44 -43.29 -29.30
CA SER A 129 6.09 -43.78 -29.20
C SER A 129 5.50 -43.46 -30.56
N GLU A 130 4.30 -43.95 -30.86
CA GLU A 130 3.74 -43.65 -32.16
C GLU A 130 3.51 -42.15 -32.28
N GLU A 131 2.96 -41.53 -31.24
CA GLU A 131 2.72 -40.10 -31.32
C GLU A 131 4.02 -39.33 -31.32
N GLY A 132 4.95 -39.79 -30.49
CA GLY A 132 6.24 -39.14 -30.41
C GLY A 132 6.89 -39.01 -31.77
N THR A 133 7.07 -40.13 -32.43
CA THR A 133 7.66 -40.07 -33.74
C THR A 133 6.77 -39.20 -34.64
N ASN A 134 5.47 -39.42 -34.65
CA ASN A 134 4.60 -38.60 -35.49
C ASN A 134 4.75 -37.10 -35.30
N MET A 135 4.84 -36.69 -34.05
CA MET A 135 4.97 -35.28 -33.74
C MET A 135 6.29 -34.77 -34.27
N LEU A 136 7.35 -35.51 -33.99
CA LEU A 136 8.66 -35.10 -34.42
C LEU A 136 8.72 -34.94 -35.92
N GLU A 137 8.10 -35.87 -36.65
CA GLU A 137 8.09 -35.76 -38.09
C GLU A 137 7.32 -34.51 -38.51
N CYS A 138 6.24 -34.21 -37.82
CA CYS A 138 5.46 -33.02 -38.15
C CYS A 138 6.27 -31.74 -37.95
N LEU A 139 6.91 -31.64 -36.80
CA LEU A 139 7.69 -30.46 -36.49
C LEU A 139 8.81 -30.32 -37.46
N ALA A 140 9.48 -31.42 -37.77
CA ALA A 140 10.58 -31.35 -38.71
C ALA A 140 10.07 -30.75 -40.02
N ALA A 141 8.84 -31.09 -40.38
CA ALA A 141 8.27 -30.61 -41.62
C ALA A 141 7.96 -29.12 -41.63
N ILE A 142 7.56 -28.60 -40.47
CA ILE A 142 7.19 -27.19 -40.39
C ILE A 142 8.27 -26.22 -39.91
N ASP A 143 9.33 -26.75 -39.34
CA ASP A 143 10.40 -25.88 -38.83
C ASP A 143 11.29 -25.29 -39.90
N LYS A 144 11.33 -23.97 -39.99
CA LYS A 144 12.19 -23.33 -40.97
C LYS A 144 13.45 -22.74 -40.33
N SER A 145 13.59 -22.91 -39.03
CA SER A 145 14.72 -22.37 -38.31
C SER A 145 15.90 -23.32 -38.31
N PHE A 146 15.60 -24.59 -38.50
CA PHE A 146 16.63 -25.62 -38.47
C PHE A 146 17.12 -25.85 -37.04
N ARG A 147 16.33 -25.41 -36.07
CA ARG A 147 16.72 -25.64 -34.71
C ARG A 147 15.83 -26.56 -33.93
N VAL A 148 14.61 -26.78 -34.39
CA VAL A 148 13.72 -27.66 -33.64
C VAL A 148 14.28 -29.07 -33.48
N ILE A 149 14.34 -29.81 -34.57
CA ILE A 149 14.81 -31.20 -34.49
C ILE A 149 16.08 -31.37 -33.66
N THR A 150 17.06 -30.52 -33.91
CA THR A 150 18.35 -30.62 -33.21
C THR A 150 18.19 -30.46 -31.69
N THR A 151 17.24 -29.65 -31.25
CA THR A 151 17.03 -29.51 -29.83
C THR A 151 16.08 -30.53 -29.21
N LEU A 152 14.97 -30.83 -29.86
CA LEU A 152 14.04 -31.80 -29.29
C LEU A 152 14.27 -33.30 -29.55
N ALA A 153 14.58 -33.69 -30.79
CA ALA A 153 14.76 -35.09 -31.16
C ALA A 153 15.65 -35.91 -30.25
N ASN A 154 16.58 -35.21 -29.65
CA ASN A 154 17.58 -35.72 -28.73
C ASN A 154 16.98 -36.27 -27.41
N GLN A 155 15.89 -35.64 -26.97
CA GLN A 155 15.15 -35.90 -25.72
C GLN A 155 14.37 -37.18 -25.67
N ALA A 156 14.24 -37.79 -24.50
CA ALA A 156 13.46 -39.02 -24.41
C ALA A 156 11.98 -38.70 -24.23
N ASN A 157 11.70 -37.55 -23.63
CA ASN A 157 10.32 -37.13 -23.43
C ASN A 157 10.24 -35.65 -23.68
N ILE A 158 9.19 -35.25 -24.37
CA ILE A 158 8.99 -33.85 -24.72
C ILE A 158 7.71 -33.36 -24.09
N LEU A 159 7.70 -32.10 -23.68
CA LEU A 159 6.57 -31.52 -23.00
C LEU A 159 5.61 -30.68 -23.85
N LEU A 160 4.33 -30.98 -23.77
CA LEU A 160 3.33 -30.22 -24.48
C LEU A 160 2.72 -29.29 -23.45
N MET A 161 2.47 -28.05 -23.81
CA MET A 161 1.93 -27.17 -22.81
C MET A 161 0.86 -26.22 -23.32
N GLU A 162 -0.02 -25.84 -22.41
CA GLU A 162 -1.10 -24.93 -22.72
C GLU A 162 -0.62 -23.49 -22.79
N LEU A 163 -1.01 -22.78 -23.83
CA LEU A 163 -0.60 -21.39 -23.93
C LEU A 163 -1.35 -20.64 -22.83
N VAL A 164 -0.64 -19.80 -22.09
CA VAL A 164 -1.27 -19.03 -21.06
C VAL A 164 -1.16 -17.58 -21.48
N ARG A 165 -2.28 -16.91 -21.66
CA ARG A 165 -2.25 -15.51 -22.07
C ARG A 165 -2.12 -14.63 -20.86
N GLY A 166 -1.01 -13.93 -20.77
CA GLY A 166 -0.74 -13.05 -19.65
C GLY A 166 0.71 -12.65 -19.75
N ILE A 167 1.26 -12.18 -18.64
CA ILE A 167 2.64 -11.76 -18.60
C ILE A 167 3.25 -12.22 -17.28
N THR A 168 4.59 -12.24 -17.20
CA THR A 168 5.27 -12.66 -15.98
C THR A 168 5.22 -11.48 -15.03
N LEU A 169 5.38 -11.76 -13.75
CA LEU A 169 5.35 -10.73 -12.73
C LEU A 169 6.38 -9.61 -12.99
N ASN A 170 7.60 -9.98 -13.38
CA ASN A 170 8.67 -9.01 -13.66
C ASN A 170 8.18 -7.94 -14.60
N LYS A 171 7.55 -8.37 -15.68
CA LYS A 171 7.09 -7.44 -16.68
C LYS A 171 5.99 -6.47 -16.27
N LEU A 172 5.63 -6.46 -14.99
CA LEU A 172 4.61 -5.52 -14.51
C LEU A 172 5.30 -4.14 -14.35
N THR A 173 4.72 -3.12 -14.94
CA THR A 173 5.29 -1.78 -14.90
C THR A 173 5.30 -1.12 -13.52
N THR A 174 4.20 -0.48 -13.17
CA THR A 174 4.05 0.24 -11.90
C THR A 174 2.77 1.01 -12.13
N THR A 175 2.61 1.46 -13.36
CA THR A 175 1.44 2.18 -13.78
C THR A 175 0.32 1.16 -14.10
N SER A 176 0.65 -0.14 -13.99
CA SER A 176 -0.28 -1.23 -14.26
C SER A 176 -0.54 -2.00 -13.00
N ALA A 177 0.53 -2.15 -12.23
CA ALA A 177 0.48 -2.89 -10.97
C ALA A 177 -0.75 -2.68 -10.07
N PRO A 178 -1.25 -1.43 -9.92
CA PRO A 178 -2.42 -1.10 -9.09
C PRO A 178 -3.66 -1.88 -9.43
N GLU A 179 -4.00 -1.92 -10.71
CA GLU A 179 -5.18 -2.63 -11.18
C GLU A 179 -4.97 -4.14 -11.29
N VAL A 180 -3.73 -4.59 -11.10
CA VAL A 180 -3.39 -5.99 -11.21
C VAL A 180 -3.14 -6.67 -9.88
N LEU A 181 -2.48 -5.96 -8.98
CA LEU A 181 -2.14 -6.52 -7.69
C LEU A 181 -3.22 -6.32 -6.63
N THR A 182 -4.43 -6.71 -7.01
CA THR A 182 -5.59 -6.64 -6.16
C THR A 182 -5.36 -7.60 -5.00
N LYS A 183 -6.19 -7.49 -3.98
CA LYS A 183 -6.12 -8.34 -2.80
C LYS A 183 -6.09 -9.78 -3.26
N SER A 184 -6.94 -10.11 -4.23
CA SER A 184 -7.04 -11.47 -4.75
C SER A 184 -5.71 -12.05 -5.24
N THR A 185 -5.09 -11.37 -6.21
CA THR A 185 -3.80 -11.76 -6.78
C THR A 185 -2.78 -12.02 -5.67
N MET A 186 -2.74 -11.11 -4.71
CA MET A 186 -1.84 -11.23 -3.59
C MET A 186 -2.04 -12.51 -2.82
N GLN A 187 -3.28 -12.82 -2.47
CA GLN A 187 -3.57 -14.05 -1.72
C GLN A 187 -3.05 -15.26 -2.51
N GLN A 188 -3.29 -15.25 -3.82
CA GLN A 188 -2.83 -16.33 -4.69
C GLN A 188 -1.32 -16.47 -4.54
N LEU A 189 -0.64 -15.34 -4.68
CA LEU A 189 0.80 -15.31 -4.54
C LEU A 189 1.16 -15.97 -3.21
N GLY A 190 0.37 -15.64 -2.18
CA GLY A 190 0.59 -16.20 -0.86
C GLY A 190 0.56 -17.70 -0.92
N SER A 191 -0.50 -18.23 -1.52
CA SER A 191 -0.66 -19.68 -1.66
C SER A 191 0.52 -20.29 -2.39
N LEU A 192 0.86 -19.74 -3.54
CA LEU A 192 1.99 -20.24 -4.28
C LEU A 192 3.22 -20.43 -3.38
N MET A 193 3.45 -19.49 -2.48
CA MET A 193 4.59 -19.60 -1.60
C MET A 193 4.51 -20.81 -0.72
N ALA A 194 3.30 -21.12 -0.25
CA ALA A 194 3.08 -22.28 0.62
C ALA A 194 3.52 -23.52 -0.11
N LEU A 195 3.08 -23.62 -1.35
CA LEU A 195 3.42 -24.74 -2.20
C LEU A 195 4.94 -24.91 -2.29
N ASP A 196 5.60 -23.86 -2.80
CA ASP A 196 7.05 -23.88 -2.95
C ASP A 196 7.69 -24.37 -1.67
N VAL A 197 7.15 -23.95 -0.54
CA VAL A 197 7.70 -24.39 0.72
C VAL A 197 7.60 -25.91 0.82
N ILE A 198 6.40 -26.43 0.58
CA ILE A 198 6.11 -27.85 0.63
C ILE A 198 7.07 -28.67 -0.18
N VAL A 199 7.40 -28.17 -1.37
CA VAL A 199 8.31 -28.85 -2.28
C VAL A 199 9.75 -28.33 -2.30
N ASN A 200 10.06 -27.35 -1.43
CA ASN A 200 11.41 -26.78 -1.39
C ASN A 200 11.81 -26.08 -2.71
N ASN A 201 10.92 -25.30 -3.31
CA ASN A 201 11.23 -24.61 -4.57
C ASN A 201 11.71 -23.19 -4.33
N SER A 202 13.02 -23.09 -4.15
CA SER A 202 13.75 -21.85 -3.88
C SER A 202 13.87 -20.84 -5.01
N ASP A 203 13.62 -21.30 -6.23
CA ASP A 203 13.72 -20.45 -7.40
C ASP A 203 12.79 -19.25 -7.37
N ARG A 204 11.49 -19.52 -7.33
CA ARG A 204 10.47 -18.48 -7.34
C ARG A 204 10.50 -17.40 -6.27
N LEU A 205 9.90 -17.69 -5.12
CA LEU A 205 9.84 -16.70 -4.06
C LEU A 205 10.59 -17.16 -2.84
N PRO A 206 11.72 -16.51 -2.55
CA PRO A 206 12.49 -16.89 -1.37
C PRO A 206 11.71 -16.54 -0.11
N ILE A 207 11.97 -17.30 0.92
CA ILE A 207 11.33 -17.11 2.21
C ILE A 207 12.17 -17.93 3.17
N ALA A 208 12.58 -19.11 2.69
CA ALA A 208 13.39 -20.02 3.46
C ALA A 208 14.75 -20.25 2.76
N TRP A 209 15.13 -19.27 1.94
CA TRP A 209 16.38 -19.34 1.17
C TRP A 209 16.83 -17.90 0.87
N THR A 210 18.12 -17.65 1.03
CA THR A 210 18.70 -16.32 0.81
C THR A 210 18.66 -15.87 -0.66
N ASN A 211 18.20 -16.75 -1.54
CA ASN A 211 18.14 -16.45 -2.96
C ASN A 211 17.40 -15.15 -3.22
N GLU A 212 17.75 -14.51 -4.33
CA GLU A 212 17.12 -13.25 -4.75
C GLU A 212 15.85 -13.61 -5.51
N GLY A 213 15.42 -14.85 -5.33
CA GLY A 213 14.23 -15.35 -5.97
C GLY A 213 14.32 -15.28 -7.48
N ASN A 214 13.15 -15.30 -8.10
CA ASN A 214 13.04 -15.23 -9.53
C ASN A 214 11.57 -15.14 -9.90
N LEU A 215 11.15 -13.96 -10.31
CA LEU A 215 9.78 -13.73 -10.68
C LEU A 215 9.44 -14.14 -12.10
N ASP A 216 10.40 -14.70 -12.82
CA ASP A 216 10.14 -15.13 -14.20
C ASP A 216 9.23 -16.33 -14.12
N ASN A 217 9.41 -17.13 -13.10
CA ASN A 217 8.65 -18.33 -12.96
C ASN A 217 7.21 -18.16 -12.55
N ILE A 218 6.67 -16.97 -12.72
CA ILE A 218 5.29 -16.77 -12.37
C ILE A 218 4.57 -15.78 -13.27
N MET A 219 3.43 -16.24 -13.81
CA MET A 219 2.59 -15.48 -14.71
C MET A 219 1.28 -15.07 -14.13
N LEU A 220 0.73 -14.03 -14.73
CA LEU A 220 -0.53 -13.50 -14.31
C LEU A 220 -1.34 -13.55 -15.57
N SER A 221 -2.35 -14.41 -15.57
CA SER A 221 -3.23 -14.58 -16.72
C SER A 221 -4.15 -13.38 -16.85
N GLU A 222 -4.60 -13.08 -18.07
CA GLU A 222 -5.54 -11.96 -18.26
C GLU A 222 -6.79 -12.28 -17.45
N ARG A 223 -7.17 -13.54 -17.40
CA ARG A 223 -8.35 -13.96 -16.67
C ARG A 223 -8.32 -13.51 -15.23
N GLY A 224 -8.91 -12.36 -14.98
CA GLY A 224 -8.93 -11.82 -13.63
C GLY A 224 -7.58 -11.83 -12.96
N ALA A 225 -6.53 -11.55 -13.71
CA ALA A 225 -5.17 -11.53 -13.17
C ALA A 225 -4.86 -12.76 -12.32
N THR A 226 -5.39 -13.92 -12.68
CA THR A 226 -5.13 -15.11 -11.90
C THR A 226 -3.65 -15.54 -12.00
N VAL A 227 -3.11 -15.92 -10.85
CA VAL A 227 -1.73 -16.35 -10.74
C VAL A 227 -1.60 -17.76 -11.26
N VAL A 228 -0.72 -17.90 -12.24
CA VAL A 228 -0.41 -19.17 -12.89
C VAL A 228 1.11 -19.30 -12.87
N PRO A 229 1.64 -20.21 -12.03
CA PRO A 229 3.05 -20.54 -11.80
C PRO A 229 3.63 -21.28 -12.97
N ILE A 230 4.95 -21.27 -13.06
CA ILE A 230 5.61 -21.89 -14.19
C ILE A 230 6.96 -22.45 -13.78
N ASP A 231 7.47 -23.40 -14.56
CA ASP A 231 8.76 -24.01 -14.26
C ASP A 231 8.82 -24.47 -12.83
N SER A 232 7.71 -25.01 -12.34
CA SER A 232 7.65 -25.50 -10.97
C SER A 232 8.61 -26.66 -10.85
N LYS A 233 9.43 -26.69 -9.81
CA LYS A 233 10.37 -27.78 -9.65
C LYS A 233 10.42 -28.21 -8.21
N ILE A 234 10.88 -29.42 -7.97
CA ILE A 234 10.96 -29.99 -6.64
C ILE A 234 12.39 -30.36 -6.35
N ILE A 235 12.82 -30.17 -5.12
CA ILE A 235 14.18 -30.54 -4.75
C ILE A 235 14.14 -30.90 -3.28
N PRO A 236 13.88 -32.18 -3.00
CA PRO A 236 13.79 -32.78 -1.67
C PRO A 236 15.06 -32.77 -0.80
N LEU A 237 15.12 -31.77 0.07
CA LEU A 237 16.21 -31.60 1.03
C LEU A 237 15.67 -32.42 2.21
N ASP A 238 15.88 -33.74 2.17
CA ASP A 238 15.35 -34.59 3.23
C ASP A 238 16.30 -34.99 4.36
N ALA A 239 15.75 -35.71 5.33
CA ALA A 239 16.41 -36.22 6.54
C ALA A 239 16.30 -35.18 7.69
N SER A 240 17.34 -34.40 7.90
CA SER A 240 17.35 -33.38 8.97
C SER A 240 18.06 -32.13 8.47
N HIS A 241 17.28 -31.14 8.05
CA HIS A 241 17.85 -29.90 7.53
C HIS A 241 17.10 -28.65 8.03
N PRO A 242 17.77 -27.48 8.07
CA PRO A 242 17.26 -26.17 8.52
C PRO A 242 15.85 -25.83 8.08
N HIS A 243 15.55 -26.18 6.83
CA HIS A 243 14.25 -25.95 6.23
C HIS A 243 13.16 -26.35 7.23
N GLY A 244 13.34 -27.50 7.87
CA GLY A 244 12.37 -28.00 8.83
C GLY A 244 11.91 -26.99 9.87
N GLU A 245 12.82 -26.60 10.75
CA GLU A 245 12.46 -25.65 11.80
C GLU A 245 12.10 -24.30 11.21
N ARG A 246 12.88 -23.87 10.23
CA ARG A 246 12.67 -22.59 9.57
C ARG A 246 11.21 -22.30 9.21
N VAL A 247 10.59 -23.21 8.48
CA VAL A 247 9.20 -23.06 8.07
C VAL A 247 8.27 -23.14 9.28
N ARG A 248 8.58 -24.03 10.23
CA ARG A 248 7.76 -24.17 11.43
C ARG A 248 7.69 -22.82 12.15
N GLU A 249 8.86 -22.20 12.29
CA GLU A 249 9.02 -20.91 12.94
C GLU A 249 8.13 -19.86 12.27
N LEU A 250 8.40 -19.62 10.99
CA LEU A 250 7.65 -18.67 10.18
C LEU A 250 6.19 -18.87 10.39
N LEU A 251 5.78 -20.12 10.33
CA LEU A 251 4.39 -20.46 10.50
C LEU A 251 3.93 -19.95 11.86
N ARG A 252 4.62 -20.40 12.91
CA ARG A 252 4.29 -20.02 14.28
C ARG A 252 4.05 -18.51 14.42
N THR A 253 5.07 -17.72 14.07
CA THR A 253 4.96 -16.28 14.16
C THR A 253 3.73 -15.82 13.38
N LEU A 254 3.58 -16.34 12.16
CA LEU A 254 2.46 -15.98 11.30
C LEU A 254 1.12 -16.16 11.96
N ILE A 255 0.96 -17.29 12.62
CA ILE A 255 -0.29 -17.62 13.30
C ILE A 255 -0.54 -16.74 14.52
N ALA A 256 0.50 -16.64 15.35
CA ALA A 256 0.45 -15.88 16.59
C ALA A 256 -0.23 -14.53 16.42
N HIS A 257 0.21 -13.74 15.45
CA HIS A 257 -0.39 -12.42 15.19
C HIS A 257 -0.22 -12.08 13.74
N PRO A 258 -1.07 -12.68 12.90
CA PRO A 258 -1.12 -12.52 11.44
C PRO A 258 -1.51 -11.11 11.04
N GLY A 259 -1.83 -10.30 12.06
CA GLY A 259 -2.22 -8.92 11.85
C GLY A 259 -1.05 -8.05 11.40
N HIS A 260 0.17 -8.53 11.61
CA HIS A 260 1.31 -7.75 11.17
C HIS A 260 2.31 -8.50 10.32
N GLU A 261 2.77 -7.81 9.28
CA GLU A 261 3.74 -8.30 8.31
C GLU A 261 4.96 -8.86 8.98
N SER A 262 5.11 -10.17 8.90
CA SER A 262 6.24 -10.85 9.49
C SER A 262 7.47 -10.41 8.77
N SER A 263 8.60 -10.66 9.41
CA SER A 263 9.89 -10.30 8.88
C SER A 263 10.03 -10.86 7.45
N GLN A 264 9.70 -12.15 7.29
CA GLN A 264 9.84 -12.84 6.01
C GLN A 264 9.03 -12.25 4.88
N PHE A 265 7.74 -12.05 5.11
CA PHE A 265 6.94 -11.47 4.06
C PHE A 265 7.37 -10.08 3.71
N HIS A 266 7.91 -9.36 4.69
CA HIS A 266 8.40 -8.01 4.44
C HIS A 266 9.49 -8.15 3.37
N SER A 267 10.40 -9.10 3.60
CA SER A 267 11.51 -9.37 2.69
C SER A 267 10.99 -9.68 1.28
N ILE A 268 10.11 -10.67 1.18
CA ILE A 268 9.56 -11.05 -0.11
C ILE A 268 8.75 -9.89 -0.71
N ARG A 269 8.13 -9.09 0.13
CA ARG A 269 7.39 -7.95 -0.36
C ARG A 269 8.34 -7.05 -1.12
N ASP A 270 9.47 -6.74 -0.47
CA ASP A 270 10.51 -5.90 -1.02
C ASP A 270 10.87 -6.33 -2.43
N ILE A 271 11.12 -7.62 -2.58
CA ILE A 271 11.48 -8.18 -3.86
C ILE A 271 10.51 -7.80 -4.97
N ILE A 272 9.24 -8.11 -4.75
CA ILE A 272 8.22 -7.81 -5.73
C ILE A 272 8.19 -6.30 -5.96
N THR A 273 8.37 -5.57 -4.87
CA THR A 273 8.43 -4.11 -4.88
C THR A 273 9.54 -3.64 -5.83
N LEU A 274 10.64 -4.37 -5.85
CA LEU A 274 11.78 -4.03 -6.68
C LEU A 274 11.51 -4.18 -8.18
N TYR A 275 11.33 -5.42 -8.63
CA TYR A 275 11.08 -5.73 -10.04
C TYR A 275 9.95 -4.94 -10.64
N THR A 276 8.95 -4.65 -9.83
CA THR A 276 7.81 -3.87 -10.31
C THR A 276 7.95 -2.36 -9.96
N GLY A 277 8.83 -2.05 -9.01
CA GLY A 277 9.00 -0.67 -8.60
C GLY A 277 7.71 -0.20 -7.98
N TYR A 278 6.92 -1.12 -7.45
CA TYR A 278 5.63 -0.82 -6.83
C TYR A 278 5.55 -1.50 -5.44
N ASP A 279 5.31 -0.71 -4.42
CA ASP A 279 5.25 -1.21 -3.05
C ASP A 279 3.81 -1.30 -2.62
N VAL A 280 3.32 -2.51 -2.51
CA VAL A 280 1.95 -2.75 -2.09
C VAL A 280 2.09 -3.00 -0.58
N GLY A 281 2.66 -2.01 0.07
CA GLY A 281 2.92 -2.05 1.50
C GLY A 281 1.90 -2.52 2.52
N THR A 282 2.45 -3.32 3.43
CA THR A 282 1.73 -3.91 4.56
C THR A 282 0.42 -4.57 4.18
N GLU A 283 -0.58 -3.79 3.80
CA GLU A 283 -1.88 -4.32 3.41
C GLU A 283 -1.65 -5.48 2.45
N GLY A 284 -0.76 -5.26 1.48
CA GLY A 284 -0.45 -6.29 0.52
C GLY A 284 0.19 -7.48 1.20
N SER A 285 1.23 -7.23 1.98
CA SER A 285 1.91 -8.31 2.66
C SER A 285 1.00 -9.14 3.50
N ILE A 286 0.03 -8.50 4.13
CA ILE A 286 -0.90 -9.22 4.97
C ILE A 286 -1.74 -10.12 4.08
N SER A 287 -2.17 -9.60 2.93
CA SER A 287 -2.96 -10.40 1.99
C SER A 287 -2.20 -11.68 1.65
N MET A 288 -0.95 -11.52 1.22
CA MET A 288 -0.15 -12.68 0.89
C MET A 288 -0.08 -13.61 2.08
N GLN A 289 0.05 -13.05 3.27
CA GLN A 289 0.13 -13.88 4.45
C GLN A 289 -1.15 -14.67 4.58
N GLU A 290 -2.27 -14.01 4.37
CA GLU A 290 -3.56 -14.64 4.47
C GLU A 290 -3.61 -15.82 3.53
N GLY A 291 -3.35 -15.55 2.26
CA GLY A 291 -3.37 -16.61 1.25
C GLY A 291 -2.49 -17.78 1.64
N PHE A 292 -1.29 -17.47 2.09
CA PHE A 292 -0.34 -18.47 2.50
C PHE A 292 -0.99 -19.34 3.56
N LEU A 293 -1.56 -18.71 4.59
CA LEU A 293 -2.21 -19.46 5.65
C LEU A 293 -3.36 -20.30 5.12
N ALA A 294 -4.31 -19.63 4.46
CA ALA A 294 -5.47 -20.29 3.89
C ALA A 294 -5.07 -21.64 3.30
N THR A 295 -3.99 -21.64 2.52
CA THR A 295 -3.48 -22.86 1.92
C THR A 295 -2.97 -23.82 3.00
N VAL A 296 -2.13 -23.34 3.91
CA VAL A 296 -1.62 -24.21 4.97
C VAL A 296 -2.78 -24.88 5.70
N ARG A 297 -3.77 -24.08 6.07
CA ARG A 297 -4.97 -24.57 6.77
C ARG A 297 -5.60 -25.71 6.00
N GLU A 298 -5.79 -25.47 4.71
CA GLU A 298 -6.36 -26.46 3.84
C GLU A 298 -5.50 -27.71 3.97
N CYS A 299 -4.20 -27.56 3.74
CA CYS A 299 -3.29 -28.69 3.82
C CYS A 299 -3.33 -29.47 5.11
N ALA A 300 -3.66 -28.82 6.21
CA ALA A 300 -3.72 -29.55 7.47
C ALA A 300 -4.89 -30.53 7.47
N SER A 301 -5.98 -30.16 6.80
CA SER A 301 -7.17 -31.01 6.74
C SER A 301 -7.00 -32.29 5.91
N PHE A 302 -5.91 -32.39 5.16
CA PHE A 302 -5.69 -33.55 4.30
C PHE A 302 -5.53 -34.89 5.00
N ASP A 303 -6.31 -35.88 4.55
CA ASP A 303 -6.17 -37.21 5.11
C ASP A 303 -4.84 -37.69 4.54
N LEU A 304 -3.78 -37.56 5.31
CA LEU A 304 -2.47 -37.96 4.83
C LEU A 304 -2.33 -39.36 4.22
N ASP A 305 -3.09 -40.34 4.69
CA ASP A 305 -2.96 -41.66 4.07
C ASP A 305 -3.46 -41.59 2.66
N ALA A 306 -4.63 -40.97 2.48
CA ALA A 306 -5.21 -40.84 1.17
C ALA A 306 -4.30 -40.03 0.26
N PHE A 307 -3.87 -38.88 0.75
CA PHE A 307 -3.01 -38.03 -0.05
C PHE A 307 -1.79 -38.79 -0.54
N GLU A 308 -1.12 -39.53 0.36
CA GLU A 308 0.07 -40.30 -0.02
C GLU A 308 -0.30 -41.19 -1.18
N ARG A 309 -1.47 -41.82 -1.12
CA ARG A 309 -1.91 -42.66 -2.22
C ARG A 309 -2.09 -41.84 -3.50
N GLU A 310 -2.72 -40.68 -3.40
CA GLU A 310 -2.91 -39.82 -4.56
C GLU A 310 -1.56 -39.60 -5.19
N LEU A 311 -0.62 -39.22 -4.34
CA LEU A 311 0.75 -38.98 -4.76
C LEU A 311 1.32 -40.19 -5.47
N LEU A 312 1.21 -41.35 -4.85
CA LEU A 312 1.72 -42.55 -5.46
C LEU A 312 1.04 -42.84 -6.79
N SER A 313 -0.24 -42.52 -6.91
CA SER A 313 -0.93 -42.78 -8.16
C SER A 313 -0.21 -42.02 -9.27
N TRP A 314 0.08 -40.75 -9.03
CA TRP A 314 0.81 -39.91 -9.99
C TRP A 314 2.15 -40.51 -10.36
N GLN A 315 2.87 -40.96 -9.34
CA GLN A 315 4.14 -41.54 -9.59
C GLN A 315 4.03 -42.79 -10.42
N GLU A 316 3.05 -43.62 -10.09
CA GLU A 316 2.81 -44.85 -10.83
C GLU A 316 2.59 -44.49 -12.30
N SER A 317 1.65 -43.60 -12.53
CA SER A 317 1.28 -43.15 -13.86
C SER A 317 2.48 -42.64 -14.62
N LEU A 318 3.34 -41.94 -13.90
CA LEU A 318 4.52 -41.36 -14.51
C LEU A 318 5.38 -42.50 -14.98
N GLN A 319 5.77 -43.38 -14.09
CA GLN A 319 6.60 -44.52 -14.44
C GLN A 319 5.98 -45.38 -15.54
N LYS A 320 4.70 -45.67 -15.38
CA LYS A 320 3.98 -46.51 -16.33
C LYS A 320 3.86 -45.98 -17.74
N CYS A 321 3.30 -44.79 -17.91
CA CYS A 321 3.12 -44.22 -19.25
C CYS A 321 4.39 -43.78 -19.99
N HIS A 322 5.47 -43.55 -19.24
CA HIS A 322 6.76 -43.15 -19.80
C HIS A 322 7.73 -43.63 -18.73
N ASN A 323 8.88 -44.14 -19.10
CA ASN A 323 9.77 -44.60 -18.05
C ASN A 323 10.25 -43.34 -17.36
N LEU A 324 9.45 -42.83 -16.44
CA LEU A 324 9.79 -41.60 -15.76
C LEU A 324 9.64 -41.75 -14.28
N SER A 325 10.78 -41.92 -13.67
CA SER A 325 10.85 -42.09 -12.26
C SER A 325 11.18 -40.74 -11.66
N ILE A 326 10.45 -40.38 -10.62
CA ILE A 326 10.70 -39.14 -9.93
C ILE A 326 11.57 -39.57 -8.73
N SER A 327 12.25 -38.63 -8.08
CA SER A 327 13.08 -39.00 -6.94
C SER A 327 12.27 -39.70 -5.87
N PRO A 328 12.81 -40.79 -5.32
CA PRO A 328 12.18 -41.60 -4.27
C PRO A 328 12.02 -40.85 -2.94
N GLN A 329 12.70 -39.71 -2.81
CA GLN A 329 12.59 -38.91 -1.59
C GLN A 329 11.53 -37.83 -1.75
N ALA A 330 11.14 -37.60 -3.00
CA ALA A 330 10.14 -36.57 -3.26
C ALA A 330 8.92 -36.73 -2.37
N ILE A 331 8.17 -37.79 -2.58
CA ILE A 331 6.96 -37.96 -1.80
C ILE A 331 7.12 -37.91 -0.29
N PRO A 332 8.03 -38.71 0.30
CA PRO A 332 8.17 -38.64 1.75
C PRO A 332 8.46 -37.23 2.21
N PHE A 333 9.19 -36.46 1.40
CA PHE A 333 9.49 -35.09 1.78
C PHE A 333 8.25 -34.21 1.79
N ILE A 334 7.57 -34.15 0.64
CA ILE A 334 6.37 -33.32 0.52
C ILE A 334 5.40 -33.70 1.64
N LEU A 335 5.46 -34.96 2.05
CA LEU A 335 4.62 -35.45 3.13
C LEU A 335 5.13 -34.92 4.48
N ARG A 336 6.45 -34.95 4.68
CA ARG A 336 7.06 -34.45 5.91
C ARG A 336 6.56 -33.02 6.13
N MET A 337 6.73 -32.18 5.10
CA MET A 337 6.29 -30.80 5.12
C MET A 337 4.83 -30.73 5.47
N LEU A 338 4.02 -31.41 4.67
CA LEU A 338 2.59 -31.46 4.88
C LEU A 338 2.21 -31.78 6.32
N ARG A 339 3.03 -32.59 6.97
CA ARG A 339 2.81 -33.01 8.36
C ARG A 339 3.10 -31.84 9.29
N ILE A 340 4.14 -31.09 8.97
CA ILE A 340 4.52 -29.92 9.74
C ILE A 340 3.40 -28.89 9.74
N PHE A 341 2.60 -28.82 8.67
CA PHE A 341 1.47 -27.89 8.62
C PHE A 341 0.36 -28.45 9.51
N HIS A 342 0.69 -29.39 10.38
CA HIS A 342 -0.28 -29.98 11.26
C HIS A 342 0.18 -29.81 12.70
N ALA B 1 -10.46 38.38 18.62
CA ALA B 1 -11.90 38.24 18.95
C ALA B 1 -12.50 39.42 18.23
N GLY B 2 -13.81 39.60 18.37
CA GLY B 2 -14.51 40.70 17.74
C GLY B 2 -14.62 40.58 16.23
N ALA B 3 -13.83 41.38 15.52
CA ALA B 3 -13.82 41.37 14.06
C ALA B 3 -13.17 40.08 13.63
N LEU B 4 -11.99 39.84 14.19
CA LEU B 4 -11.20 38.66 13.93
C LEU B 4 -12.02 37.38 14.03
N TRP B 5 -12.79 37.26 15.10
CA TRP B 5 -13.61 36.08 15.29
C TRP B 5 -14.66 35.96 14.19
N GLU B 6 -15.20 37.10 13.75
CA GLU B 6 -16.21 37.08 12.70
C GLU B 6 -15.67 36.52 11.40
N ILE B 7 -14.55 37.09 10.94
CA ILE B 7 -13.89 36.65 9.72
C ILE B 7 -13.72 35.14 9.77
N GLU B 8 -13.21 34.66 10.90
CA GLU B 8 -13.00 33.25 11.10
C GLU B 8 -14.29 32.45 11.08
N LYS B 9 -15.32 32.96 11.75
CA LYS B 9 -16.61 32.30 11.76
C LYS B 9 -17.00 32.04 10.30
N GLU B 10 -16.81 33.07 9.49
CA GLU B 10 -17.11 33.03 8.05
C GLU B 10 -16.37 31.90 7.33
N LEU B 11 -15.04 31.98 7.36
CA LEU B 11 -14.16 30.97 6.74
C LEU B 11 -14.58 29.59 7.21
N PHE B 12 -14.64 29.44 8.53
CA PHE B 12 -15.03 28.21 9.17
C PHE B 12 -16.35 27.69 8.60
N THR B 13 -17.33 28.57 8.53
CA THR B 13 -18.65 28.24 8.03
C THR B 13 -18.62 27.46 6.71
N LYS B 14 -17.84 27.97 5.76
CA LYS B 14 -17.71 27.39 4.43
C LYS B 14 -17.00 26.02 4.31
N LEU B 15 -16.42 25.51 5.40
CA LEU B 15 -15.72 24.23 5.34
C LEU B 15 -16.63 23.00 5.16
N PRO B 16 -16.17 22.04 4.35
CA PRO B 16 -16.96 20.82 4.11
C PRO B 16 -17.06 20.06 5.42
N ALA B 17 -18.24 20.06 6.04
CA ALA B 17 -18.43 19.31 7.28
C ALA B 17 -17.91 17.88 7.05
N PRO B 18 -17.07 17.37 7.96
CA PRO B 18 -16.51 16.01 7.82
C PRO B 18 -17.54 14.91 8.08
N SER B 19 -17.13 13.65 7.87
CA SER B 19 -18.02 12.51 8.08
C SER B 19 -18.57 12.50 9.50
N SER B 20 -19.78 11.97 9.64
CA SER B 20 -20.39 11.85 10.96
C SER B 20 -19.85 10.55 11.55
N ALA B 21 -19.05 9.85 10.75
CA ALA B 21 -18.44 8.59 11.11
C ALA B 21 -17.45 8.70 12.26
N ILE B 22 -17.82 8.16 13.41
CA ILE B 22 -16.94 8.19 14.55
C ILE B 22 -16.00 7.01 14.52
N ASN B 23 -14.74 7.29 14.20
CA ASN B 23 -13.72 6.27 14.17
C ASN B 23 -13.24 6.09 15.61
N SER B 24 -13.64 4.97 16.23
CA SER B 24 -13.29 4.64 17.61
C SER B 24 -11.79 4.54 17.86
N HIS B 25 -11.02 4.27 16.81
CA HIS B 25 -9.58 4.14 16.93
C HIS B 25 -8.91 5.47 17.16
N LEU B 26 -9.64 6.54 16.86
CA LEU B 26 -9.16 7.90 17.03
C LEU B 26 -9.55 8.48 18.38
N GLN B 27 -10.36 7.73 19.12
CA GLN B 27 -10.79 8.16 20.44
C GLN B 27 -9.58 8.44 21.32
N PRO B 28 -9.52 9.66 21.90
CA PRO B 28 -8.42 10.09 22.76
C PRO B 28 -8.20 9.08 23.90
N ALA B 29 -7.03 9.12 24.51
CA ALA B 29 -6.73 8.19 25.59
C ALA B 29 -7.37 8.56 26.92
N LYS B 30 -7.86 7.54 27.62
CA LYS B 30 -8.48 7.72 28.92
C LYS B 30 -7.37 7.54 29.97
N PRO B 31 -7.06 8.59 30.76
CA PRO B 31 -6.01 8.54 31.79
C PRO B 31 -6.41 7.61 32.93
N PHE B 47 -6.57 17.50 39.66
CA PHE B 47 -7.77 17.52 38.78
C PHE B 47 -7.41 17.13 37.37
N LYS B 48 -8.12 16.15 36.81
CA LYS B 48 -7.83 15.70 35.46
C LYS B 48 -9.03 15.67 34.55
N VAL B 49 -8.78 16.03 33.31
CA VAL B 49 -9.79 16.04 32.28
C VAL B 49 -9.62 14.72 31.53
N ASP B 50 -10.71 13.94 31.49
CA ASP B 50 -10.72 12.66 30.80
C ASP B 50 -11.06 12.94 29.35
N LEU B 51 -10.04 13.20 28.53
CA LEU B 51 -10.24 13.53 27.12
C LEU B 51 -11.04 12.49 26.37
N SER B 52 -10.84 11.25 26.76
CA SER B 52 -11.47 10.08 26.20
C SER B 52 -12.97 10.19 26.13
N THR B 53 -13.54 10.89 27.10
CA THR B 53 -14.98 11.03 27.18
C THR B 53 -15.47 12.48 27.20
N ALA B 54 -14.55 13.42 27.38
CA ALA B 54 -14.90 14.84 27.42
C ALA B 54 -15.49 15.31 26.10
N VAL B 55 -16.28 16.36 26.14
CA VAL B 55 -16.89 16.92 24.94
C VAL B 55 -16.32 18.33 24.66
N SER B 56 -16.21 18.71 23.39
CA SER B 56 -15.69 20.04 23.05
C SER B 56 -16.71 21.15 23.27
N TYR B 57 -16.30 22.17 24.04
CA TYR B 57 -17.18 23.30 24.31
C TYR B 57 -17.54 23.85 22.96
N ASN B 58 -18.84 23.85 22.68
CA ASN B 58 -19.45 24.28 21.43
C ASN B 58 -19.05 25.63 20.81
N ASP B 59 -19.40 26.75 21.44
CA ASP B 59 -19.05 28.03 20.85
C ASP B 59 -18.07 28.82 21.72
N ILE B 60 -16.79 28.74 21.38
CA ILE B 60 -15.79 29.46 22.15
C ILE B 60 -15.84 30.96 21.93
N GLY B 61 -16.85 31.43 21.22
CA GLY B 61 -16.97 32.86 21.00
C GLY B 61 -17.80 33.49 22.11
N ASP B 62 -18.40 32.63 22.93
CA ASP B 62 -19.26 33.06 24.02
C ASP B 62 -19.02 32.21 25.27
N ILE B 63 -18.19 32.71 26.17
CA ILE B 63 -17.88 32.00 27.42
C ILE B 63 -18.22 32.93 28.56
N ASN B 64 -19.02 32.44 29.50
CA ASN B 64 -19.42 33.28 30.62
C ASN B 64 -18.50 33.19 31.82
N TRP B 65 -17.40 33.93 31.72
CA TRP B 65 -16.39 33.97 32.76
C TRP B 65 -16.91 34.29 34.16
N LYS B 66 -17.98 35.09 34.23
CA LYS B 66 -18.56 35.53 35.51
C LYS B 66 -19.33 34.45 36.25
N ASN B 67 -19.63 33.37 35.55
CA ASN B 67 -20.40 32.29 36.13
C ASN B 67 -19.52 31.14 36.61
N LEU B 68 -18.80 31.36 37.70
CA LEU B 68 -17.89 30.36 38.28
C LEU B 68 -18.43 28.95 38.56
N GLN B 69 -19.76 28.82 38.59
CA GLN B 69 -20.37 27.52 38.90
C GLN B 69 -20.51 26.58 37.71
N GLN B 70 -20.27 27.14 36.53
CA GLN B 70 -20.31 26.41 35.28
C GLN B 70 -18.96 25.66 35.10
N PHE B 71 -17.90 26.17 35.73
CA PHE B 71 -16.56 25.55 35.63
C PHE B 71 -16.30 24.48 36.69
N LYS B 72 -15.74 23.37 36.23
CA LYS B 72 -15.43 22.25 37.12
C LYS B 72 -13.97 22.26 37.48
N GLY B 73 -13.14 22.82 36.61
CA GLY B 73 -11.72 22.88 36.90
C GLY B 73 -10.86 23.13 35.68
N ILE B 74 -9.55 23.16 35.92
CA ILE B 74 -8.56 23.37 34.87
C ILE B 74 -7.36 22.47 35.09
N GLU B 75 -6.84 21.90 34.00
CA GLU B 75 -5.70 21.00 34.05
C GLU B 75 -4.63 21.48 33.06
N ARG B 76 -3.37 21.44 33.47
CA ARG B 76 -2.29 21.85 32.61
C ARG B 76 -1.75 20.64 31.86
N SER B 77 -1.61 20.77 30.55
CA SER B 77 -1.10 19.67 29.74
C SER B 77 0.39 19.62 29.91
N GLU B 78 0.86 18.47 30.37
CA GLU B 78 2.28 18.25 30.59
C GLU B 78 3.03 18.01 29.29
N LYS B 79 2.31 17.98 28.17
CA LYS B 79 2.92 17.75 26.86
C LYS B 79 3.09 19.03 26.08
N GLY B 80 3.98 18.96 25.09
CA GLY B 80 4.25 20.08 24.20
C GLY B 80 4.87 21.33 24.81
N THR B 81 4.38 22.48 24.33
CA THR B 81 4.85 23.80 24.78
C THR B 81 5.02 23.86 26.29
N GLU B 82 3.94 23.56 27.02
CA GLU B 82 3.84 23.56 28.48
C GLU B 82 2.58 24.35 28.87
N GLY B 83 2.43 25.52 28.24
CA GLY B 83 1.34 26.43 28.54
C GLY B 83 0.03 26.17 27.84
N LEU B 84 -0.43 24.93 27.85
CA LEU B 84 -1.70 24.61 27.24
C LEU B 84 -2.53 24.04 28.33
N PHE B 85 -3.69 24.65 28.58
CA PHE B 85 -4.57 24.19 29.64
C PHE B 85 -5.92 23.73 29.16
N PHE B 86 -6.41 22.69 29.81
CA PHE B 86 -7.71 22.14 29.50
C PHE B 86 -8.66 22.69 30.52
N VAL B 87 -9.62 23.48 30.06
CA VAL B 87 -10.61 24.07 30.93
C VAL B 87 -11.89 23.29 30.78
N GLU B 88 -12.33 22.64 31.86
CA GLU B 88 -13.55 21.86 31.82
C GLU B 88 -14.70 22.59 32.45
N THR B 89 -15.73 22.81 31.65
CA THR B 89 -16.92 23.47 32.12
C THR B 89 -18.02 22.43 32.04
N GLU B 90 -19.21 22.81 32.47
CA GLU B 90 -20.36 21.92 32.47
C GLU B 90 -20.97 21.82 31.08
N SER B 91 -20.53 22.69 30.18
CA SER B 91 -21.03 22.68 28.82
C SER B 91 -19.95 22.12 27.88
N GLY B 92 -18.90 21.54 28.45
CA GLY B 92 -17.85 21.01 27.62
C GLY B 92 -16.47 21.52 28.00
N VAL B 93 -15.49 21.16 27.19
CA VAL B 93 -14.10 21.50 27.45
C VAL B 93 -13.47 22.29 26.33
N PHE B 94 -12.73 23.32 26.68
CA PHE B 94 -12.04 24.10 25.66
C PHE B 94 -10.63 24.27 26.20
N ILE B 95 -9.78 24.92 25.41
CA ILE B 95 -8.40 25.09 25.79
C ILE B 95 -7.98 26.55 25.93
N VAL B 96 -7.17 26.82 26.93
CA VAL B 96 -6.63 28.15 27.12
C VAL B 96 -5.14 27.92 26.99
N LYS B 97 -4.53 28.54 25.98
CA LYS B 97 -3.13 28.32 25.70
C LYS B 97 -2.23 29.53 25.53
N ARG B 98 -1.10 29.51 26.21
CA ARG B 98 -0.10 30.57 26.10
C ARG B 98 0.62 30.21 24.80
N SER B 99 0.82 31.17 23.93
CA SER B 99 1.48 30.87 22.68
C SER B 99 2.79 31.64 22.47
N THR B 100 3.80 30.91 21.99
CA THR B 100 5.11 31.49 21.70
C THR B 100 4.98 32.56 20.59
N ASN B 101 4.32 32.19 19.49
CA ASN B 101 4.12 33.10 18.36
C ASN B 101 2.66 33.14 17.96
N ILE B 102 1.88 33.75 18.83
CA ILE B 102 0.44 33.86 18.64
C ILE B 102 -0.09 34.49 17.34
N GLU B 103 0.58 35.52 16.82
CA GLU B 103 0.13 36.16 15.57
C GLU B 103 0.11 35.12 14.48
N SER B 104 1.27 34.49 14.33
CA SER B 104 1.49 33.45 13.33
C SER B 104 0.39 32.41 13.47
N GLU B 105 0.36 31.77 14.63
CA GLU B 105 -0.60 30.71 14.89
C GLU B 105 -2.05 31.03 14.47
N THR B 106 -2.61 32.11 14.98
CA THR B 106 -4.00 32.41 14.64
C THR B 106 -4.15 32.80 13.16
N PHE B 107 -3.18 33.54 12.65
CA PHE B 107 -3.25 33.96 11.26
C PHE B 107 -3.25 32.74 10.36
N CYS B 108 -2.23 31.93 10.56
CA CYS B 108 -2.01 30.72 9.80
C CYS B 108 -3.27 29.87 9.88
N SER B 109 -3.81 29.71 11.09
CA SER B 109 -5.03 28.93 11.30
C SER B 109 -6.04 29.34 10.28
N LEU B 110 -6.24 30.66 10.15
CA LEU B 110 -7.19 31.20 9.18
C LEU B 110 -6.83 30.75 7.78
N LEU B 111 -5.56 30.92 7.43
CA LEU B 111 -5.09 30.52 6.12
C LEU B 111 -5.48 29.07 5.87
N CYS B 112 -5.32 28.23 6.89
CA CYS B 112 -5.68 26.82 6.77
C CYS B 112 -7.13 26.71 6.38
N MET B 113 -7.99 27.28 7.21
CA MET B 113 -9.42 27.23 6.95
C MET B 113 -9.75 27.71 5.56
N ARG B 114 -9.10 28.80 5.16
CA ARG B 114 -9.32 29.38 3.84
C ARG B 114 -8.98 28.35 2.76
N LEU B 115 -7.89 27.61 2.94
CA LEU B 115 -7.49 26.60 1.98
C LEU B 115 -8.27 25.29 2.11
N GLY B 116 -9.28 25.29 2.97
CA GLY B 116 -10.11 24.10 3.17
C GLY B 116 -9.73 23.14 4.26
N LEU B 117 -8.71 23.48 5.06
CA LEU B 117 -8.24 22.59 6.14
C LEU B 117 -8.89 22.80 7.49
N HIS B 118 -9.19 21.69 8.16
CA HIS B 118 -9.84 21.74 9.45
C HIS B 118 -9.06 22.12 10.68
N ALA B 119 -8.39 23.27 10.63
CA ALA B 119 -7.62 23.77 11.76
C ALA B 119 -8.59 24.01 12.93
N PRO B 120 -8.11 23.86 14.18
CA PRO B 120 -9.00 24.05 15.34
C PRO B 120 -9.41 25.51 15.49
N LYS B 121 -10.70 25.73 15.73
CA LYS B 121 -11.20 27.08 15.92
C LYS B 121 -10.44 27.76 17.05
N VAL B 122 -9.75 28.85 16.70
CA VAL B 122 -8.95 29.62 17.65
C VAL B 122 -9.50 31.05 17.79
N ARG B 123 -9.44 31.61 18.99
CA ARG B 123 -9.92 32.97 19.23
C ARG B 123 -9.01 33.71 20.20
N VAL B 124 -8.56 34.89 19.78
CA VAL B 124 -7.67 35.67 20.62
C VAL B 124 -8.37 36.54 21.64
N VAL B 125 -7.73 36.68 22.80
CA VAL B 125 -8.21 37.49 23.89
C VAL B 125 -7.01 38.31 24.40
N SER B 126 -7.20 39.62 24.47
CA SER B 126 -6.15 40.51 24.96
C SER B 126 -6.25 40.52 26.47
N SER B 127 -5.15 40.17 27.11
CA SER B 127 -5.05 40.10 28.56
C SER B 127 -5.65 41.33 29.23
N ASN B 128 -5.38 42.48 28.60
CA ASN B 128 -5.83 43.78 29.09
C ASN B 128 -7.05 44.31 28.36
N SER B 129 -8.18 43.66 28.61
CA SER B 129 -9.45 44.02 28.01
C SER B 129 -10.44 43.63 29.07
N GLU B 130 -11.71 43.88 28.86
CA GLU B 130 -12.68 43.49 29.88
C GLU B 130 -12.74 41.97 30.03
N GLU B 131 -12.92 41.26 28.92
CA GLU B 131 -12.99 39.80 28.96
C GLU B 131 -11.69 39.20 29.45
N GLY B 132 -10.57 39.76 28.99
CA GLY B 132 -9.27 39.26 29.41
C GLY B 132 -9.20 39.21 30.92
N THR B 133 -9.36 40.37 31.55
CA THR B 133 -9.31 40.43 32.99
C THR B 133 -10.36 39.53 33.65
N ASN B 134 -11.56 39.47 33.07
CA ASN B 134 -12.63 38.62 33.60
C ASN B 134 -12.32 37.12 33.56
N MET B 135 -11.68 36.72 32.47
CA MET B 135 -11.28 35.34 32.27
C MET B 135 -10.24 35.01 33.33
N LEU B 136 -9.13 35.74 33.30
CA LEU B 136 -8.05 35.55 34.25
C LEU B 136 -8.59 35.43 35.68
N GLU B 137 -9.49 36.32 36.05
CA GLU B 137 -10.09 36.26 37.38
C GLU B 137 -10.79 34.93 37.59
N CYS B 138 -11.55 34.51 36.59
CA CYS B 138 -12.26 33.24 36.66
C CYS B 138 -11.28 32.07 36.76
N LEU B 139 -10.21 32.12 35.96
CA LEU B 139 -9.22 31.06 35.93
C LEU B 139 -8.42 30.94 37.21
N ALA B 140 -7.98 32.06 37.74
CA ALA B 140 -7.25 32.06 38.98
C ALA B 140 -8.12 31.40 40.06
N ALA B 141 -9.40 31.79 40.07
CA ALA B 141 -10.35 31.29 41.04
C ALA B 141 -10.59 29.77 41.02
N ILE B 142 -10.59 29.17 39.83
CA ILE B 142 -10.83 27.73 39.73
C ILE B 142 -9.54 26.91 39.69
N ASP B 143 -8.42 27.58 39.45
CA ASP B 143 -7.13 26.90 39.38
C ASP B 143 -6.62 26.41 40.72
N LYS B 144 -6.44 25.11 40.85
CA LYS B 144 -5.93 24.55 42.09
C LYS B 144 -4.47 24.07 42.04
N SER B 145 -3.82 24.21 40.89
CA SER B 145 -2.43 23.81 40.74
C SER B 145 -1.50 24.98 41.10
N PHE B 146 -2.04 26.19 40.94
CA PHE B 146 -1.35 27.46 41.22
C PHE B 146 -0.26 27.85 40.24
N ARG B 147 -0.45 27.44 38.99
CA ARG B 147 0.51 27.79 37.97
C ARG B 147 -0.16 28.53 36.82
N VAL B 148 -1.50 28.58 36.81
CA VAL B 148 -2.22 29.27 35.73
C VAL B 148 -1.85 30.74 35.69
N ILE B 149 -2.21 31.46 36.74
CA ILE B 149 -1.92 32.89 36.81
C ILE B 149 -0.49 33.25 36.48
N THR B 150 0.43 32.50 37.05
CA THR B 150 1.83 32.77 36.81
C THR B 150 2.11 32.68 35.30
N THR B 151 1.94 31.49 34.74
CA THR B 151 2.21 31.31 33.33
C THR B 151 1.42 32.25 32.46
N LEU B 152 0.12 32.37 32.75
CA LEU B 152 -0.77 33.19 31.93
C LEU B 152 -0.82 34.72 32.00
N ALA B 153 -1.11 35.29 33.17
CA ALA B 153 -1.22 36.74 33.33
C ALA B 153 -0.02 37.53 32.79
N ASN B 154 1.11 36.85 32.68
CA ASN B 154 2.33 37.43 32.17
C ASN B 154 2.13 37.92 30.71
N GLN B 155 1.28 37.21 29.99
CA GLN B 155 0.95 37.45 28.58
C GLN B 155 0.07 38.65 28.23
N ALA B 156 0.41 39.29 27.13
CA ALA B 156 -0.34 40.42 26.61
C ALA B 156 -1.60 39.87 25.98
N ASN B 157 -1.46 38.68 25.40
CA ASN B 157 -2.59 38.02 24.74
C ASN B 157 -2.58 36.53 25.00
N ILE B 158 -3.77 35.98 25.10
CA ILE B 158 -3.99 34.57 25.39
C ILE B 158 -4.89 33.97 24.29
N LEU B 159 -4.65 32.69 23.98
CA LEU B 159 -5.37 31.98 22.92
C LEU B 159 -6.46 31.03 23.44
N LEU B 160 -7.68 31.16 22.92
CA LEU B 160 -8.72 30.23 23.32
C LEU B 160 -8.79 29.28 22.17
N MET B 161 -8.94 28.00 22.46
CA MET B 161 -8.94 27.06 21.37
C MET B 161 -9.91 25.94 21.53
N GLU B 162 -10.42 25.50 20.39
CA GLU B 162 -11.38 24.44 20.30
C GLU B 162 -10.72 23.13 20.71
N LEU B 163 -11.45 22.31 21.46
CA LEU B 163 -10.92 21.02 21.87
C LEU B 163 -11.18 20.12 20.67
N VAL B 164 -10.16 19.41 20.22
CA VAL B 164 -10.31 18.50 19.09
C VAL B 164 -10.28 17.08 19.61
N ARG B 165 -11.35 16.33 19.39
CA ARG B 165 -11.37 14.95 19.86
C ARG B 165 -10.68 14.15 18.78
N GLY B 166 -9.54 13.58 19.14
CA GLY B 166 -8.74 12.80 18.23
C GLY B 166 -7.35 12.53 18.80
N ILE B 167 -6.48 11.97 17.98
CA ILE B 167 -5.14 11.66 18.45
C ILE B 167 -4.14 12.16 17.44
N THR B 168 -2.91 12.40 17.87
CA THR B 168 -1.91 12.88 16.95
C THR B 168 -1.49 11.71 16.09
N LEU B 169 -0.85 12.01 14.98
CA LEU B 169 -0.40 11.00 14.05
C LEU B 169 0.61 10.01 14.62
N ASN B 170 1.60 10.51 15.36
CA ASN B 170 2.64 9.64 15.95
C ASN B 170 2.00 8.48 16.68
N LYS B 171 0.99 8.80 17.49
CA LYS B 171 0.28 7.81 18.31
C LYS B 171 -0.50 6.71 17.57
N LEU B 172 -0.45 6.72 16.24
CA LEU B 172 -1.12 5.68 15.46
C LEU B 172 -0.27 4.44 15.57
N THR B 173 -0.84 3.44 16.22
CA THR B 173 -0.19 2.17 16.47
C THR B 173 0.41 1.48 15.23
N THR B 174 -0.46 0.81 14.48
CA THR B 174 -0.09 0.03 13.28
C THR B 174 -1.30 -0.85 13.07
N THR B 175 -1.82 -1.37 14.18
CA THR B 175 -2.98 -2.22 14.17
C THR B 175 -4.22 -1.37 13.86
N SER B 176 -4.06 -0.05 13.94
CA SER B 176 -5.17 0.88 13.68
C SER B 176 -4.99 1.66 12.39
N ALA B 177 -3.74 1.98 12.07
CA ALA B 177 -3.42 2.71 10.86
C ALA B 177 -4.27 2.32 9.64
N PRO B 178 -4.51 1.02 9.40
CA PRO B 178 -5.31 0.59 8.25
C PRO B 178 -6.66 1.23 8.16
N GLU B 179 -7.37 1.24 9.28
CA GLU B 179 -8.70 1.82 9.28
C GLU B 179 -8.70 3.34 9.39
N VAL B 180 -7.51 3.93 9.47
CA VAL B 180 -7.41 5.37 9.61
C VAL B 180 -6.78 6.02 8.39
N LEU B 181 -5.70 5.42 7.91
CA LEU B 181 -4.97 5.96 6.77
C LEU B 181 -5.67 5.68 5.46
N THR B 182 -6.97 5.89 5.44
CA THR B 182 -7.79 5.71 4.26
C THR B 182 -7.28 6.65 3.17
N LYS B 183 -7.76 6.47 1.94
CA LYS B 183 -7.36 7.30 0.81
C LYS B 183 -7.61 8.77 1.11
N SER B 184 -8.79 9.02 1.67
CA SER B 184 -9.20 10.38 2.04
C SER B 184 -8.07 11.05 2.84
N THR B 185 -7.90 10.62 4.10
CA THR B 185 -6.87 11.10 5.02
C THR B 185 -5.56 11.40 4.29
N MET B 186 -5.11 10.44 3.49
CA MET B 186 -3.88 10.59 2.74
C MET B 186 -3.88 11.82 1.86
N GLN B 187 -4.97 12.06 1.16
CA GLN B 187 -5.04 13.24 0.31
C GLN B 187 -4.95 14.49 1.20
N GLN B 188 -5.69 14.47 2.31
CA GLN B 188 -5.69 15.59 3.24
C GLN B 188 -4.27 15.91 3.67
N LEU B 189 -3.51 14.90 4.08
CA LEU B 189 -2.12 15.11 4.48
C LEU B 189 -1.37 15.79 3.35
N GLY B 190 -1.67 15.40 2.11
CA GLY B 190 -1.01 16.02 0.99
C GLY B 190 -1.32 17.50 0.98
N SER B 191 -2.61 17.84 1.04
CA SER B 191 -3.03 19.26 1.04
C SER B 191 -2.30 20.02 2.14
N LEU B 192 -2.24 19.41 3.31
CA LEU B 192 -1.58 20.00 4.45
C LEU B 192 -0.12 20.31 4.05
N MET B 193 0.49 19.39 3.31
CA MET B 193 1.86 19.56 2.86
C MET B 193 1.97 20.69 1.87
N ALA B 194 0.88 20.98 1.16
CA ALA B 194 0.89 22.08 0.19
C ALA B 194 0.96 23.41 0.96
N LEU B 195 0.15 23.49 2.01
CA LEU B 195 0.09 24.66 2.88
C LEU B 195 1.44 25.00 3.51
N ASP B 196 2.06 24.03 4.18
CA ASP B 196 3.38 24.21 4.80
C ASP B 196 4.38 24.75 3.77
N VAL B 197 4.26 24.30 2.54
CA VAL B 197 5.13 24.76 1.48
C VAL B 197 4.86 26.24 1.31
N ILE B 198 3.57 26.57 1.21
CA ILE B 198 3.12 27.96 1.05
C ILE B 198 3.60 28.92 2.15
N VAL B 199 3.71 28.43 3.39
CA VAL B 199 4.13 29.27 4.51
C VAL B 199 5.50 28.95 5.09
N ASN B 200 6.23 28.05 4.45
CA ASN B 200 7.56 27.63 4.90
C ASN B 200 7.52 26.97 6.28
N ASN B 201 6.44 26.26 6.58
CA ASN B 201 6.38 25.58 7.86
C ASN B 201 7.14 24.27 7.75
N SER B 202 8.42 24.34 8.07
CA SER B 202 9.30 23.19 8.03
C SER B 202 9.15 22.24 9.21
N ASP B 203 8.22 22.52 10.13
CA ASP B 203 8.04 21.66 11.30
C ASP B 203 7.24 20.38 11.09
N ARG B 204 6.10 20.48 10.40
CA ARG B 204 5.28 19.29 10.17
C ARG B 204 5.87 18.19 9.30
N LEU B 205 5.66 18.28 7.99
CA LEU B 205 6.18 17.23 7.12
C LEU B 205 7.28 17.72 6.21
N PRO B 206 8.51 17.21 6.40
CA PRO B 206 9.64 17.62 5.58
C PRO B 206 9.40 17.25 4.12
N ILE B 207 9.62 18.21 3.25
CA ILE B 207 9.44 18.03 1.83
C ILE B 207 10.42 18.96 1.10
N ALA B 208 10.69 20.11 1.73
CA ALA B 208 11.63 21.10 1.20
C ALA B 208 12.61 21.47 2.31
N TRP B 209 12.85 20.50 3.20
CA TRP B 209 13.75 20.71 4.32
C TRP B 209 14.31 19.37 4.85
N THR B 210 15.56 19.39 5.32
CA THR B 210 16.27 18.21 5.85
C THR B 210 15.79 17.76 7.26
N ASN B 211 14.89 18.54 7.84
CA ASN B 211 14.37 18.21 9.16
C ASN B 211 13.68 16.86 9.11
N GLU B 212 13.77 16.11 10.21
CA GLU B 212 13.14 14.79 10.28
C GLU B 212 11.68 14.99 10.64
N GLY B 213 11.15 16.16 10.32
CA GLY B 213 9.76 16.49 10.59
C GLY B 213 9.37 16.44 12.05
N ASN B 214 8.07 16.41 12.30
CA ASN B 214 7.53 16.35 13.65
C ASN B 214 6.02 16.14 13.51
N LEU B 215 5.61 14.89 13.64
CA LEU B 215 4.21 14.59 13.50
C LEU B 215 3.38 14.95 14.72
N ASP B 216 4.02 15.59 15.69
CA ASP B 216 3.31 16.02 16.90
C ASP B 216 2.30 17.09 16.48
N ASN B 217 2.60 17.73 15.36
CA ASN B 217 1.77 18.81 14.87
C ASN B 217 0.60 18.50 13.99
N ILE B 218 0.21 17.24 13.93
CA ILE B 218 -0.97 16.94 13.15
C ILE B 218 -1.79 15.92 13.87
N MET B 219 -3.06 16.25 14.03
CA MET B 219 -3.98 15.36 14.70
C MET B 219 -4.92 14.81 13.68
N LEU B 220 -5.59 13.72 14.07
CA LEU B 220 -6.58 13.07 13.22
C LEU B 220 -7.82 13.03 14.09
N SER B 221 -8.86 13.76 13.67
CA SER B 221 -10.11 13.83 14.39
C SER B 221 -10.90 12.53 14.31
N GLU B 222 -11.64 12.16 15.36
CA GLU B 222 -12.47 10.95 15.33
C GLU B 222 -13.36 11.05 14.11
N ARG B 223 -13.89 12.25 13.90
CA ARG B 223 -14.79 12.59 12.79
C ARG B 223 -14.26 12.25 11.41
N GLY B 224 -14.61 11.08 10.92
CA GLY B 224 -14.17 10.66 9.61
C GLY B 224 -12.67 10.82 9.44
N ALA B 225 -11.93 10.58 10.51
CA ALA B 225 -10.47 10.68 10.50
C ALA B 225 -10.00 11.96 9.82
N THR B 226 -10.75 13.04 9.95
CA THR B 226 -10.33 14.29 9.33
C THR B 226 -9.05 14.89 9.93
N VAL B 227 -8.07 15.11 9.06
CA VAL B 227 -6.80 15.67 9.42
C VAL B 227 -6.97 17.07 9.95
N VAL B 228 -6.53 17.28 11.17
CA VAL B 228 -6.62 18.61 11.79
C VAL B 228 -5.20 19.03 12.19
N PRO B 229 -4.63 20.01 11.47
CA PRO B 229 -3.29 20.53 11.73
C PRO B 229 -3.29 21.23 13.06
N ILE B 230 -2.14 21.35 13.68
CA ILE B 230 -2.08 21.98 14.98
C ILE B 230 -0.77 22.73 15.09
N ASP B 231 -0.72 23.77 15.93
CA ASP B 231 0.51 24.58 16.09
C ASP B 231 1.03 25.05 14.75
N SER B 232 0.09 25.46 13.90
CA SER B 232 0.39 25.94 12.56
C SER B 232 1.24 27.20 12.73
N LYS B 233 2.34 27.30 12.01
CA LYS B 233 3.21 28.46 12.11
C LYS B 233 3.88 28.86 10.79
N ILE B 234 4.20 30.15 10.67
CA ILE B 234 4.82 30.71 9.49
C ILE B 234 6.21 31.22 9.79
N ILE B 235 7.09 31.12 8.81
CA ILE B 235 8.44 31.62 8.93
C ILE B 235 8.86 31.98 7.50
N PRO B 236 8.48 33.18 7.04
CA PRO B 236 8.74 33.77 5.72
C PRO B 236 10.20 33.99 5.30
N LEU B 237 10.72 33.09 4.48
CA LEU B 237 12.07 33.14 3.95
C LEU B 237 11.95 33.83 2.59
N ASP B 238 11.98 35.17 2.61
CA ASP B 238 11.82 35.93 1.37
C ASP B 238 13.12 36.43 0.71
N ALA B 239 12.92 37.24 -0.34
CA ALA B 239 13.97 37.83 -1.16
C ALA B 239 14.36 36.78 -2.21
N SER B 240 15.45 36.07 -1.96
CA SER B 240 15.92 35.03 -2.87
C SER B 240 16.55 33.91 -2.04
N HIS B 241 15.85 32.77 -1.97
CA HIS B 241 16.36 31.62 -1.21
C HIS B 241 15.95 30.30 -1.91
N PRO B 242 16.70 29.18 -1.66
CA PRO B 242 16.50 27.83 -2.23
C PRO B 242 15.06 27.33 -2.40
N HIS B 243 14.24 27.54 -1.37
CA HIS B 243 12.84 27.15 -1.35
C HIS B 243 12.19 27.44 -2.72
N GLY B 244 12.42 28.64 -3.24
CA GLY B 244 11.85 29.05 -4.52
C GLY B 244 11.90 28.05 -5.67
N GLU B 245 13.11 27.64 -6.07
CA GLU B 245 13.26 26.68 -7.16
C GLU B 245 12.98 25.26 -6.70
N ARG B 246 13.24 25.01 -5.41
CA ARG B 246 13.02 23.70 -4.80
C ARG B 246 11.56 23.25 -4.97
N VAL B 247 10.64 24.09 -4.51
CA VAL B 247 9.22 23.79 -4.61
C VAL B 247 8.75 23.77 -6.07
N ARG B 248 9.43 24.55 -6.91
CA ARG B 248 9.11 24.61 -8.33
C ARG B 248 9.42 23.25 -8.97
N GLU B 249 10.65 22.78 -8.74
CA GLU B 249 11.12 21.51 -9.26
C GLU B 249 10.19 20.36 -8.85
N LEU B 250 10.00 20.17 -7.53
CA LEU B 250 9.12 19.12 -7.02
C LEU B 250 7.82 19.12 -7.82
N LEU B 251 7.19 20.30 -7.88
CA LEU B 251 5.95 20.50 -8.60
C LEU B 251 6.08 19.95 -10.00
N ARG B 252 7.04 20.47 -10.75
CA ARG B 252 7.29 20.04 -12.12
C ARG B 252 7.28 18.52 -12.24
N THR B 253 8.18 17.86 -11.52
CA THR B 253 8.27 16.40 -11.56
C THR B 253 6.92 15.76 -11.20
N LEU B 254 6.28 16.21 -10.12
CA LEU B 254 4.97 15.69 -9.72
C LEU B 254 3.98 15.70 -10.89
N ILE B 255 3.86 16.85 -11.52
CA ILE B 255 2.95 17.04 -12.64
C ILE B 255 3.32 16.14 -13.81
N ALA B 256 4.60 16.18 -14.16
CA ALA B 256 5.17 15.41 -15.27
C ALA B 256 4.59 14.00 -15.40
N HIS B 257 4.70 13.23 -14.33
CA HIS B 257 4.17 11.87 -14.30
C HIS B 257 3.73 11.59 -12.88
N PRO B 258 2.55 12.09 -12.51
CA PRO B 258 1.97 11.92 -11.17
C PRO B 258 1.65 10.46 -10.88
N GLY B 259 1.89 9.62 -11.89
CA GLY B 259 1.66 8.20 -11.78
C GLY B 259 2.64 7.49 -10.86
N HIS B 260 3.77 8.11 -10.53
CA HIS B 260 4.73 7.45 -9.64
C HIS B 260 5.17 8.29 -8.46
N GLU B 261 5.55 7.59 -7.40
CA GLU B 261 6.05 8.18 -6.17
C GLU B 261 7.36 8.93 -6.41
N SER B 262 7.30 10.25 -6.30
CA SER B 262 8.45 11.11 -6.51
C SER B 262 9.45 10.84 -5.38
N SER B 263 10.69 11.24 -5.62
CA SER B 263 11.77 11.08 -4.66
C SER B 263 11.43 11.63 -3.28
N GLN B 264 10.82 12.81 -3.27
CA GLN B 264 10.44 13.49 -2.05
C GLN B 264 9.34 12.77 -1.30
N PHE B 265 8.25 12.43 -2.00
CA PHE B 265 7.15 11.74 -1.34
C PHE B 265 7.56 10.40 -0.75
N HIS B 266 8.52 9.75 -1.40
CA HIS B 266 9.01 8.48 -0.90
C HIS B 266 9.58 8.78 0.49
N SER B 267 10.43 9.81 0.57
CA SER B 267 11.06 10.22 1.82
C SER B 267 10.04 10.44 2.94
N ILE B 268 9.02 11.24 2.65
CA ILE B 268 7.98 11.53 3.63
C ILE B 268 7.19 10.26 3.99
N ARG B 269 6.95 9.41 3.01
CA ARG B 269 6.22 8.16 3.26
C ARG B 269 6.99 7.34 4.27
N ASP B 270 8.29 7.21 4.03
CA ASP B 270 9.16 6.46 4.94
C ASP B 270 8.98 6.96 6.37
N ILE B 271 9.09 8.28 6.56
CA ILE B 271 8.92 8.87 7.88
C ILE B 271 7.63 8.42 8.54
N ILE B 272 6.49 8.66 7.86
CA ILE B 272 5.21 8.27 8.42
C ILE B 272 5.20 6.78 8.73
N THR B 273 5.84 6.03 7.85
CA THR B 273 5.98 4.58 7.99
C THR B 273 6.78 4.27 9.26
N LEU B 274 7.75 5.14 9.56
CA LEU B 274 8.58 4.94 10.72
C LEU B 274 7.78 5.18 12.00
N TYR B 275 7.18 6.37 12.12
CA TYR B 275 6.39 6.75 13.29
C TYR B 275 5.29 5.75 13.56
N THR B 276 4.55 5.48 12.49
CA THR B 276 3.41 4.60 12.57
C THR B 276 3.74 3.12 12.42
N GLY B 277 4.90 2.83 11.86
CA GLY B 277 5.28 1.43 11.67
C GLY B 277 4.35 0.74 10.68
N TYR B 278 3.68 1.55 9.88
CA TYR B 278 2.76 1.03 8.87
C TYR B 278 3.17 1.61 7.52
N ASP B 279 3.40 0.72 6.56
CA ASP B 279 3.79 1.16 5.23
C ASP B 279 2.55 1.21 4.39
N VAL B 280 2.17 2.41 4.02
CA VAL B 280 1.00 2.62 3.20
C VAL B 280 1.49 2.72 1.74
N GLY B 281 2.65 2.11 1.50
CA GLY B 281 3.34 2.08 0.22
C GLY B 281 2.68 2.50 -1.07
N THR B 282 3.47 3.17 -1.91
CA THR B 282 3.08 3.67 -3.23
C THR B 282 1.65 4.18 -3.37
N GLU B 283 0.67 3.30 -3.29
CA GLU B 283 -0.71 3.72 -3.40
C GLU B 283 -0.92 4.88 -2.44
N GLY B 284 -0.39 4.75 -1.22
CA GLY B 284 -0.51 5.81 -0.23
C GLY B 284 0.21 7.08 -0.69
N SER B 285 1.48 6.95 -1.06
CA SER B 285 2.24 8.09 -1.54
C SER B 285 1.50 8.85 -2.60
N ILE B 286 1.01 8.11 -3.60
CA ILE B 286 0.27 8.70 -4.69
C ILE B 286 -0.98 9.42 -4.19
N SER B 287 -1.65 8.82 -3.22
CA SER B 287 -2.84 9.45 -2.65
C SER B 287 -2.43 10.84 -2.15
N MET B 288 -1.29 10.89 -1.43
CA MET B 288 -0.80 12.15 -0.92
C MET B 288 -0.42 13.08 -2.07
N GLN B 289 0.29 12.58 -3.07
CA GLN B 289 0.67 13.42 -4.21
C GLN B 289 -0.56 14.04 -4.85
N GLU B 290 -1.63 13.27 -4.95
CA GLU B 290 -2.87 13.75 -5.53
C GLU B 290 -3.43 14.90 -4.71
N GLY B 291 -3.56 14.70 -3.39
CA GLY B 291 -4.08 15.75 -2.52
C GLY B 291 -3.30 17.05 -2.64
N PHE B 292 -1.98 16.91 -2.64
CA PHE B 292 -1.03 18.02 -2.74
C PHE B 292 -1.33 18.84 -4.01
N LEU B 293 -1.45 18.16 -5.13
CA LEU B 293 -1.77 18.81 -6.41
C LEU B 293 -3.13 19.48 -6.31
N ALA B 294 -4.13 18.73 -5.88
CA ALA B 294 -5.49 19.24 -5.73
C ALA B 294 -5.45 20.64 -5.09
N THR B 295 -4.76 20.75 -3.95
CA THR B 295 -4.66 22.05 -3.29
C THR B 295 -3.90 23.06 -4.14
N VAL B 296 -2.74 22.65 -4.66
CA VAL B 296 -1.95 23.53 -5.51
C VAL B 296 -2.80 24.10 -6.64
N ARG B 297 -3.57 23.23 -7.28
CA ARG B 297 -4.45 23.60 -8.38
C ARG B 297 -5.39 24.68 -7.91
N GLU B 298 -6.10 24.39 -6.84
CA GLU B 298 -7.04 25.35 -6.30
C GLU B 298 -6.32 26.67 -6.05
N CYS B 299 -5.10 26.58 -5.56
CA CYS B 299 -4.29 27.77 -5.30
C CYS B 299 -3.91 28.52 -6.56
N ALA B 300 -3.80 27.80 -7.67
CA ALA B 300 -3.45 28.42 -8.94
C ALA B 300 -4.64 29.23 -9.47
N SER B 301 -5.85 28.76 -9.15
CA SER B 301 -7.10 29.40 -9.56
C SER B 301 -7.49 30.64 -8.74
N PHE B 302 -6.62 31.04 -7.83
CA PHE B 302 -6.91 32.20 -7.00
C PHE B 302 -6.61 33.53 -7.67
N ASP B 303 -7.53 34.47 -7.48
CA ASP B 303 -7.40 35.83 -8.01
C ASP B 303 -6.44 36.50 -7.00
N LEU B 304 -5.15 36.47 -7.31
CA LEU B 304 -4.12 37.01 -6.42
C LEU B 304 -4.34 38.41 -5.86
N ASP B 305 -5.23 39.17 -6.50
CA ASP B 305 -5.53 40.51 -6.04
C ASP B 305 -6.57 40.46 -4.90
N ALA B 306 -7.71 39.82 -5.17
CA ALA B 306 -8.80 39.70 -4.18
C ALA B 306 -8.29 38.96 -2.94
N PHE B 307 -7.42 38.00 -3.18
CA PHE B 307 -6.82 37.22 -2.11
C PHE B 307 -5.90 38.11 -1.26
N GLU B 308 -4.98 38.84 -1.89
CA GLU B 308 -4.07 39.72 -1.15
C GLU B 308 -4.87 40.64 -0.23
N ARG B 309 -6.08 40.97 -0.66
CA ARG B 309 -6.98 41.81 0.13
C ARG B 309 -7.53 40.96 1.26
N GLU B 310 -8.07 39.80 0.89
CA GLU B 310 -8.59 38.83 1.86
C GLU B 310 -7.57 38.71 3.00
N LEU B 311 -6.32 38.48 2.63
CA LEU B 311 -5.22 38.34 3.57
C LEU B 311 -5.00 39.59 4.39
N LEU B 312 -4.85 40.71 3.70
CA LEU B 312 -4.61 41.97 4.37
C LEU B 312 -5.69 42.28 5.41
N SER B 313 -6.94 41.92 5.09
CA SER B 313 -8.04 42.15 6.01
C SER B 313 -7.71 41.42 7.31
N TRP B 314 -7.17 40.21 7.19
CA TRP B 314 -6.79 39.42 8.36
C TRP B 314 -5.79 40.18 9.21
N GLN B 315 -4.73 40.71 8.59
CA GLN B 315 -3.72 41.46 9.33
C GLN B 315 -4.25 42.74 9.95
N GLU B 316 -5.07 43.46 9.19
CA GLU B 316 -5.68 44.70 9.64
C GLU B 316 -6.49 44.42 10.91
N SER B 317 -7.33 43.39 10.87
CA SER B 317 -8.15 43.00 12.01
C SER B 317 -7.30 42.51 13.16
N LEU B 318 -6.18 41.87 12.83
CA LEU B 318 -5.26 41.36 13.84
C LEU B 318 -4.71 42.56 14.58
N GLN B 319 -4.20 43.53 13.83
CA GLN B 319 -3.65 44.76 14.40
C GLN B 319 -4.71 45.60 15.12
N LYS B 320 -5.90 45.69 14.53
CA LYS B 320 -7.01 46.48 15.06
C LYS B 320 -7.64 45.97 16.36
N CYS B 321 -8.08 44.70 16.37
CA CYS B 321 -8.73 44.15 17.55
C CYS B 321 -7.83 43.82 18.75
N HIS B 322 -6.52 43.72 18.53
CA HIS B 322 -5.52 43.47 19.58
C HIS B 322 -4.27 44.02 18.93
N ASN B 323 -3.45 44.78 19.64
CA ASN B 323 -2.27 45.31 18.95
C ASN B 323 -1.38 44.13 18.58
N LEU B 324 -1.69 43.50 17.45
CA LEU B 324 -0.94 42.33 17.00
C LEU B 324 -0.52 42.43 15.55
N SER B 325 0.76 42.72 15.41
CA SER B 325 1.37 42.88 14.10
C SER B 325 2.04 41.58 13.72
N ILE B 326 1.70 41.09 12.54
CA ILE B 326 2.30 39.88 12.04
C ILE B 326 3.52 40.36 11.25
N SER B 327 4.50 39.49 10.97
CA SER B 327 5.70 39.90 10.22
C SER B 327 5.31 40.62 8.94
N PRO B 328 6.09 41.65 8.57
CA PRO B 328 5.85 42.44 7.37
C PRO B 328 6.04 41.62 6.10
N GLN B 329 6.91 40.61 6.17
CA GLN B 329 7.21 39.74 5.04
C GLN B 329 6.21 38.60 4.89
N ALA B 330 5.32 38.48 5.87
CA ALA B 330 4.32 37.45 5.86
C ALA B 330 3.56 37.38 4.54
N ILE B 331 2.58 38.26 4.37
CA ILE B 331 1.75 38.25 3.17
C ILE B 331 2.49 38.17 1.84
N PRO B 332 3.52 39.02 1.64
CA PRO B 332 4.25 38.95 0.36
C PRO B 332 4.87 37.58 0.12
N PHE B 333 5.41 36.95 1.16
CA PHE B 333 6.02 35.64 0.98
C PHE B 333 4.96 34.63 0.57
N ILE B 334 3.87 34.55 1.31
CA ILE B 334 2.83 33.59 0.96
C ILE B 334 2.37 33.80 -0.49
N LEU B 335 2.24 35.06 -0.88
CA LEU B 335 1.82 35.40 -2.23
C LEU B 335 2.84 34.99 -3.31
N ARG B 336 4.13 35.07 -2.99
CA ARG B 336 5.19 34.66 -3.91
C ARG B 336 5.00 33.16 -4.20
N MET B 337 4.80 32.40 -3.14
CA MET B 337 4.57 30.97 -3.25
C MET B 337 3.33 30.71 -4.08
N LEU B 338 2.24 31.40 -3.75
CA LEU B 338 0.99 31.24 -4.49
C LEU B 338 1.17 31.44 -6.00
N ARG B 339 1.96 32.45 -6.36
CA ARG B 339 2.23 32.77 -7.74
C ARG B 339 3.06 31.64 -8.38
N ILE B 340 3.98 31.08 -7.61
CA ILE B 340 4.81 29.97 -8.08
C ILE B 340 3.91 28.81 -8.50
N PHE B 341 2.87 28.56 -7.71
CA PHE B 341 1.90 27.50 -7.99
C PHE B 341 1.15 27.78 -9.31
N HIS B 342 1.37 28.96 -9.88
CA HIS B 342 0.72 29.37 -11.11
C HIS B 342 1.65 29.02 -12.30
#